data_2W3X
#
_entry.id   2W3X
#
_cell.length_a   101.950
_cell.length_b   73.320
_cell.length_c   124.410
_cell.angle_alpha   90.00
_cell.angle_beta   98.69
_cell.angle_gamma   90.00
#
_symmetry.space_group_name_H-M   'C 1 2 1'
#
loop_
_entity.id
_entity.type
_entity.pdbx_description
1 polymer CALE7
2 non-polymer 'PHOSPHATE ION'
3 non-polymer "O-(O-(2-AMINOPROPYL)-O'-(2-METHOXYETHYL)POLYPROPYLENE GLYCOL 500)"
4 non-polymer 'PYROPHOSPHATE 2-'
5 non-polymer GLYCEROL
6 water water
#
_entity_poly.entity_id   1
_entity_poly.type   'polypeptide(L)'
_entity_poly.pdbx_seq_one_letter_code
;MSMPRYYEYRHVVGFEETNLVGNVYYVNYLRWQGRCREMFLYEHAPEILDELRADLKLFTLKAECEFFAELAPFDRLAVR
MRLVELTQTQMELGFDYLRLGGDDLLVARGRQRIACMRGPNGRTEPVRVPAGLVRAFAPFRSATVGQ
;
_entity_poly.pdbx_strand_id   A,B,C,D,E,F
#
# COMPACT_ATOMS: atom_id res chain seq x y z
N PRO A 4 25.95 12.75 -3.67
CA PRO A 4 25.73 11.47 -2.96
C PRO A 4 25.65 10.34 -3.99
N ARG A 5 26.77 10.02 -4.61
CA ARG A 5 26.80 8.96 -5.62
C ARG A 5 27.19 7.61 -5.07
N TYR A 6 27.15 7.46 -3.75
CA TYR A 6 27.47 6.18 -3.13
C TYR A 6 26.64 5.97 -1.87
N TYR A 7 26.49 4.72 -1.49
CA TYR A 7 25.74 4.37 -0.28
C TYR A 7 26.79 3.95 0.73
N GLU A 8 26.65 4.39 1.98
CA GLU A 8 27.63 4.04 3.00
C GLU A 8 27.12 3.11 4.09
N TYR A 9 27.85 2.03 4.30
CA TYR A 9 27.54 1.04 5.34
C TYR A 9 28.67 1.16 6.34
N ARG A 10 28.33 1.39 7.61
CA ARG A 10 29.36 1.51 8.65
C ARG A 10 29.35 0.30 9.57
N HIS A 11 30.53 -0.13 9.97
CA HIS A 11 30.67 -1.32 10.81
C HIS A 11 31.88 -1.25 11.73
N VAL A 12 31.68 -1.62 13.00
CA VAL A 12 32.79 -1.68 13.96
C VAL A 12 33.23 -3.14 13.96
N VAL A 13 34.49 -3.37 13.61
CA VAL A 13 35.03 -4.73 13.54
C VAL A 13 35.02 -5.43 14.89
N GLY A 14 34.53 -6.67 14.91
CA GLY A 14 34.45 -7.44 16.14
C GLY A 14 35.50 -8.53 16.24
N PHE A 15 35.52 -9.24 17.37
CA PHE A 15 36.50 -10.30 17.57
C PHE A 15 36.26 -11.53 16.70
N GLU A 16 35.01 -11.86 16.44
CA GLU A 16 34.73 -13.03 15.62
C GLU A 16 35.27 -12.90 14.20
N GLU A 17 35.45 -11.66 13.75
CA GLU A 17 35.94 -11.40 12.40
C GLU A 17 37.46 -11.48 12.28
N THR A 18 38.14 -11.64 13.42
CA THR A 18 39.59 -11.72 13.40
C THR A 18 40.00 -13.19 13.40
N ASN A 19 41.27 -13.44 13.14
CA ASN A 19 41.79 -14.80 13.16
C ASN A 19 43.01 -14.78 14.08
N LEU A 20 43.70 -15.90 14.19
CA LEU A 20 44.86 -15.97 15.07
C LEU A 20 45.96 -14.94 14.81
N VAL A 21 46.05 -14.43 13.59
CA VAL A 21 47.08 -13.44 13.29
C VAL A 21 46.75 -12.04 13.79
N GLY A 22 45.55 -11.88 14.34
CA GLY A 22 45.14 -10.60 14.88
C GLY A 22 44.40 -9.61 14.00
N ASN A 23 44.30 -9.90 12.71
CA ASN A 23 43.60 -9.03 11.79
C ASN A 23 42.30 -9.66 11.33
N VAL A 24 41.58 -8.99 10.44
CA VAL A 24 40.31 -9.50 9.93
C VAL A 24 40.53 -10.57 8.86
N TYR A 25 39.89 -11.72 9.04
CA TYR A 25 39.99 -12.81 8.07
C TYR A 25 39.35 -12.34 6.77
N TYR A 26 40.05 -12.55 5.65
CA TYR A 26 39.59 -12.07 4.35
C TYR A 26 38.13 -12.33 3.95
N VAL A 27 37.56 -13.47 4.30
CA VAL A 27 36.18 -13.76 3.94
C VAL A 27 35.20 -12.67 4.40
N ASN A 28 35.47 -12.07 5.55
CA ASN A 28 34.58 -11.05 6.08
C ASN A 28 34.41 -9.85 5.15
N TYR A 29 35.42 -9.55 4.33
CA TYR A 29 35.30 -8.44 3.40
C TYR A 29 34.23 -8.73 2.36
N LEU A 30 34.13 -9.99 1.94
CA LEU A 30 33.13 -10.35 0.96
C LEU A 30 31.75 -10.37 1.62
N ARG A 31 31.72 -10.75 2.90
CA ARG A 31 30.46 -10.77 3.61
C ARG A 31 29.93 -9.34 3.76
N TRP A 32 30.83 -8.39 3.98
CA TRP A 32 30.40 -7.00 4.13
C TRP A 32 29.78 -6.43 2.86
N GLN A 33 30.13 -6.98 1.69
CA GLN A 33 29.55 -6.51 0.44
C GLN A 33 28.07 -6.84 0.46
N GLY A 34 27.75 -8.05 0.91
CA GLY A 34 26.36 -8.46 0.97
C GLY A 34 25.60 -7.65 2.01
N ARG A 35 26.23 -7.42 3.15
CA ARG A 35 25.62 -6.66 4.21
C ARG A 35 25.34 -5.24 3.72
N CYS A 36 26.34 -4.66 3.07
CA CYS A 36 26.23 -3.31 2.54
C CYS A 36 25.12 -3.25 1.50
N ARG A 37 25.12 -4.17 0.54
CA ARG A 37 24.10 -4.15 -0.49
C ARG A 37 22.68 -4.37 0.05
N GLU A 38 22.52 -5.20 1.09
CA GLU A 38 21.17 -5.39 1.60
C GLU A 38 20.70 -4.24 2.48
N MET A 39 21.62 -3.54 3.14
CA MET A 39 21.23 -2.40 3.95
C MET A 39 20.82 -1.28 3.00
N PHE A 40 21.46 -1.23 1.84
CA PHE A 40 21.08 -0.24 0.84
C PHE A 40 19.63 -0.52 0.47
N LEU A 41 19.30 -1.80 0.25
CA LEU A 41 17.93 -2.16 -0.11
C LEU A 41 16.95 -1.82 1.01
N TYR A 42 17.37 -2.13 2.24
CA TYR A 42 16.55 -1.87 3.43
C TYR A 42 16.20 -0.38 3.52
N GLU A 43 17.19 0.48 3.26
CA GLU A 43 16.96 1.91 3.37
C GLU A 43 16.37 2.58 2.13
N HIS A 44 16.66 2.04 0.95
CA HIS A 44 16.20 2.67 -0.29
C HIS A 44 15.24 1.90 -1.21
N ALA A 45 15.05 0.62 -0.96
CA ALA A 45 14.15 -0.18 -1.78
C ALA A 45 13.69 -1.39 -0.98
N PRO A 46 13.14 -1.15 0.22
CA PRO A 46 12.67 -2.23 1.09
C PRO A 46 11.67 -3.16 0.41
N GLU A 47 10.95 -2.65 -0.58
CA GLU A 47 9.97 -3.46 -1.30
C GLU A 47 10.62 -4.65 -1.98
N ILE A 48 11.93 -4.60 -2.19
CA ILE A 48 12.63 -5.71 -2.84
C ILE A 48 12.61 -6.99 -2.00
N LEU A 49 12.52 -6.87 -0.68
CA LEU A 49 12.48 -8.05 0.19
C LEU A 49 11.22 -8.87 -0.07
N ASP A 50 10.09 -8.18 -0.13
CA ASP A 50 8.82 -8.82 -0.40
C ASP A 50 8.95 -9.61 -1.68
N GLU A 51 9.65 -9.03 -2.65
CA GLU A 51 9.87 -9.70 -3.92
C GLU A 51 10.82 -10.85 -3.66
N LEU A 52 11.89 -10.56 -2.92
CA LEU A 52 12.90 -11.55 -2.60
C LEU A 52 12.40 -12.61 -1.64
N ARG A 53 11.21 -12.39 -1.09
CA ARG A 53 10.58 -13.35 -0.19
C ARG A 53 9.50 -14.05 -0.99
N ALA A 54 9.27 -13.55 -2.19
CA ALA A 54 8.28 -14.12 -3.10
C ALA A 54 8.97 -15.01 -4.12
N ASP A 55 9.13 -14.51 -5.35
CA ASP A 55 9.78 -15.31 -6.39
C ASP A 55 10.98 -14.65 -7.04
N LEU A 56 11.29 -13.41 -6.66
CA LEU A 56 12.44 -12.72 -7.22
C LEU A 56 13.70 -13.25 -6.56
N LYS A 57 14.79 -13.30 -7.32
CA LYS A 57 16.06 -13.78 -6.82
C LYS A 57 17.19 -12.89 -7.31
N LEU A 58 18.12 -12.56 -6.41
CA LEU A 58 19.27 -11.77 -6.79
C LEU A 58 20.41 -12.78 -6.85
N PHE A 59 20.84 -13.11 -8.05
CA PHE A 59 21.90 -14.08 -8.23
C PHE A 59 23.24 -13.37 -8.40
N THR A 60 24.18 -13.66 -7.50
CA THR A 60 25.50 -13.05 -7.61
C THR A 60 26.31 -13.81 -8.65
N LEU A 61 26.62 -13.13 -9.74
CA LEU A 61 27.39 -13.69 -10.84
C LEU A 61 28.88 -13.59 -10.57
N LYS A 62 29.28 -12.57 -9.81
CA LYS A 62 30.68 -12.37 -9.50
C LYS A 62 30.86 -11.60 -8.21
N ALA A 63 31.85 -12.00 -7.43
CA ALA A 63 32.17 -11.31 -6.18
C ALA A 63 33.67 -11.33 -6.06
N GLU A 64 34.28 -10.17 -5.83
CA GLU A 64 35.72 -10.11 -5.69
C GLU A 64 36.15 -8.98 -4.79
N CYS A 65 37.34 -9.12 -4.24
CA CYS A 65 37.87 -8.10 -3.36
C CYS A 65 39.40 -8.10 -3.44
N GLU A 66 39.99 -6.91 -3.49
CA GLU A 66 41.44 -6.79 -3.51
C GLU A 66 41.78 -6.13 -2.17
N PHE A 67 42.84 -6.63 -1.51
CA PHE A 67 43.22 -6.14 -0.20
C PHE A 67 44.53 -5.36 -0.20
N PHE A 68 44.50 -4.17 0.39
CA PHE A 68 45.67 -3.28 0.44
C PHE A 68 46.32 -3.15 1.80
N ALA A 69 45.53 -3.32 2.86
CA ALA A 69 46.05 -3.21 4.22
C ALA A 69 45.25 -4.12 5.13
N GLU A 70 45.60 -4.13 6.41
CA GLU A 70 44.90 -4.99 7.35
C GLU A 70 43.92 -4.20 8.22
N LEU A 71 43.02 -4.94 8.86
CA LEU A 71 42.04 -4.37 9.75
C LEU A 71 42.18 -5.04 11.12
N ALA A 72 42.03 -4.24 12.16
CA ALA A 72 42.16 -4.74 13.52
C ALA A 72 40.82 -4.75 14.23
N PRO A 73 40.72 -5.51 15.33
CA PRO A 73 39.44 -5.55 16.05
C PRO A 73 39.11 -4.12 16.51
N PHE A 74 37.86 -3.76 16.35
CA PHE A 74 37.33 -2.46 16.74
C PHE A 74 37.70 -1.25 15.89
N ASP A 75 38.24 -1.53 14.72
CA ASP A 75 38.55 -0.46 13.78
C ASP A 75 37.15 -0.14 13.27
N ARG A 76 36.90 1.12 12.93
CA ARG A 76 35.61 1.52 12.40
C ARG A 76 35.78 1.46 10.89
N LEU A 77 34.88 0.74 10.24
CA LEU A 77 34.93 0.58 8.80
C LEU A 77 33.77 1.26 8.12
N ALA A 78 34.03 1.80 6.94
CA ALA A 78 33.00 2.42 6.12
C ALA A 78 33.14 1.72 4.78
N VAL A 79 32.07 1.09 4.31
CA VAL A 79 32.08 0.45 3.01
C VAL A 79 31.20 1.32 2.13
N ARG A 80 31.79 1.92 1.10
CA ARG A 80 31.04 2.78 0.19
C ARG A 80 30.74 2.04 -1.09
N MET A 81 29.46 1.93 -1.39
CA MET A 81 29.00 1.22 -2.58
C MET A 81 28.52 2.15 -3.67
N ARG A 82 29.00 1.88 -4.88
CA ARG A 82 28.64 2.68 -6.04
C ARG A 82 28.11 1.78 -7.15
N LEU A 83 27.30 2.34 -8.03
CA LEU A 83 26.77 1.59 -9.16
C LEU A 83 27.71 1.80 -10.34
N VAL A 84 28.45 0.76 -10.70
CA VAL A 84 29.40 0.83 -11.80
C VAL A 84 28.67 0.75 -13.15
N GLU A 85 27.76 -0.21 -13.27
CA GLU A 85 27.01 -0.38 -14.49
C GLU A 85 25.62 -0.97 -14.23
N LEU A 86 24.65 -0.54 -15.03
CA LEU A 86 23.29 -1.03 -14.91
C LEU A 86 22.87 -1.43 -16.32
N THR A 87 22.59 -2.71 -16.53
CA THR A 87 22.15 -3.18 -17.84
C THR A 87 20.67 -3.53 -17.74
N GLN A 88 20.14 -4.19 -18.76
CA GLN A 88 18.73 -4.56 -18.76
C GLN A 88 18.38 -5.47 -17.60
N THR A 89 19.27 -6.42 -17.30
CA THR A 89 19.03 -7.40 -16.26
C THR A 89 20.09 -7.52 -15.18
N GLN A 90 21.19 -6.80 -15.34
CA GLN A 90 22.29 -6.89 -14.37
C GLN A 90 22.77 -5.58 -13.80
N MET A 91 23.48 -5.68 -12.68
CA MET A 91 24.05 -4.52 -12.02
C MET A 91 25.46 -4.87 -11.57
N GLU A 92 26.40 -3.96 -11.82
CA GLU A 92 27.79 -4.15 -11.39
C GLU A 92 27.94 -3.12 -10.27
N LEU A 93 28.36 -3.60 -9.11
CA LEU A 93 28.53 -2.76 -7.92
C LEU A 93 29.99 -2.67 -7.51
N GLY A 94 30.42 -1.47 -7.11
CA GLY A 94 31.79 -1.26 -6.68
C GLY A 94 31.79 -0.97 -5.19
N PHE A 95 32.80 -1.47 -4.49
CA PHE A 95 32.90 -1.28 -3.04
C PHE A 95 34.27 -0.75 -2.61
N ASP A 96 34.27 0.37 -1.88
CA ASP A 96 35.51 0.93 -1.36
C ASP A 96 35.45 0.72 0.16
N TYR A 97 36.51 0.13 0.71
CA TYR A 97 36.56 -0.16 2.14
C TYR A 97 37.51 0.81 2.83
N LEU A 98 36.97 1.67 3.69
CA LEU A 98 37.78 2.65 4.39
C LEU A 98 37.87 2.44 5.90
N ARG A 99 39.07 2.46 6.43
CA ARG A 99 39.25 2.34 7.87
C ARG A 99 39.17 3.79 8.34
N LEU A 100 38.16 4.13 9.14
CA LEU A 100 38.01 5.49 9.62
C LEU A 100 38.82 5.71 10.91
N GLY A 101 39.83 6.55 10.84
CA GLY A 101 40.65 6.81 12.02
C GLY A 101 41.13 8.24 12.11
N GLY A 102 42.34 8.43 12.63
CA GLY A 102 42.89 9.77 12.73
C GLY A 102 42.87 10.31 11.31
N ASP A 103 43.09 9.41 10.38
CA ASP A 103 43.06 9.70 8.96
C ASP A 103 42.38 8.48 8.36
N ASP A 104 41.77 8.63 7.19
CA ASP A 104 41.09 7.48 6.58
C ASP A 104 42.05 6.73 5.66
N LEU A 105 41.97 5.41 5.68
CA LEU A 105 42.84 4.56 4.85
C LEU A 105 42.00 3.60 4.02
N LEU A 106 42.29 3.51 2.73
CA LEU A 106 41.58 2.59 1.83
C LEU A 106 42.22 1.21 2.04
N VAL A 107 41.53 0.34 2.77
CA VAL A 107 42.08 -0.98 3.06
C VAL A 107 41.75 -2.07 2.04
N ALA A 108 40.73 -1.83 1.23
CA ALA A 108 40.33 -2.81 0.22
C ALA A 108 39.37 -2.19 -0.79
N ARG A 109 39.22 -2.88 -1.92
CA ARG A 109 38.32 -2.45 -2.99
C ARG A 109 37.74 -3.70 -3.65
N GLY A 110 36.43 -3.72 -3.85
CA GLY A 110 35.82 -4.90 -4.43
C GLY A 110 34.75 -4.61 -5.47
N ARG A 111 34.22 -5.69 -6.05
CA ARG A 111 33.19 -5.60 -7.07
C ARG A 111 32.23 -6.77 -7.02
N GLN A 112 31.00 -6.53 -7.44
CA GLN A 112 30.03 -7.61 -7.57
C GLN A 112 29.23 -7.34 -8.82
N ARG A 113 28.79 -8.42 -9.47
CA ARG A 113 27.90 -8.30 -10.61
C ARG A 113 26.74 -9.16 -10.17
N ILE A 114 25.53 -8.63 -10.26
CA ILE A 114 24.35 -9.37 -9.84
C ILE A 114 23.32 -9.41 -10.97
N ALA A 115 22.59 -10.52 -11.05
CA ALA A 115 21.56 -10.67 -12.09
C ALA A 115 20.22 -10.88 -11.41
N CYS A 116 19.19 -10.22 -11.92
CA CYS A 116 17.85 -10.36 -11.37
C CYS A 116 17.22 -11.56 -12.05
N MET A 117 16.56 -12.42 -11.28
CA MET A 117 15.93 -13.60 -11.85
C MET A 117 14.63 -13.98 -11.15
N ARG A 118 13.76 -14.70 -11.87
CA ARG A 118 12.49 -15.17 -11.32
C ARG A 118 12.22 -16.58 -11.81
N GLY A 119 11.39 -17.32 -11.08
CA GLY A 119 11.05 -18.68 -11.48
C GLY A 119 11.40 -19.73 -10.45
N PRO A 120 10.81 -20.93 -10.57
CA PRO A 120 11.07 -22.02 -9.64
C PRO A 120 12.56 -22.35 -9.57
N ASN A 121 13.05 -22.62 -8.36
CA ASN A 121 14.46 -22.94 -8.16
C ASN A 121 14.86 -24.05 -9.13
N GLY A 122 15.86 -23.79 -9.96
CA GLY A 122 16.31 -24.77 -10.93
C GLY A 122 15.74 -24.48 -12.31
N ARG A 123 14.68 -23.69 -12.34
CA ARG A 123 14.01 -23.32 -13.59
C ARG A 123 13.76 -21.82 -13.59
N THR A 124 14.80 -21.05 -13.29
CA THR A 124 14.68 -19.59 -13.25
C THR A 124 15.19 -18.97 -14.54
N GLU A 125 14.84 -17.71 -14.74
CA GLU A 125 15.27 -16.98 -15.93
C GLU A 125 15.56 -15.53 -15.54
N PRO A 126 16.48 -14.89 -16.26
CA PRO A 126 16.84 -13.50 -15.98
C PRO A 126 15.65 -12.59 -16.25
N VAL A 127 15.46 -11.59 -15.38
CA VAL A 127 14.37 -10.65 -15.57
C VAL A 127 14.95 -9.24 -15.57
N ARG A 128 14.20 -8.30 -16.12
CA ARG A 128 14.66 -6.93 -16.16
C ARG A 128 14.76 -6.40 -14.74
N VAL A 129 15.76 -5.56 -14.49
CA VAL A 129 15.93 -5.00 -13.16
C VAL A 129 14.62 -4.35 -12.75
N PRO A 130 14.08 -4.74 -11.57
CA PRO A 130 12.82 -4.18 -11.05
C PRO A 130 12.80 -2.66 -11.08
N ALA A 131 11.72 -2.10 -11.62
CA ALA A 131 11.58 -0.65 -11.75
C ALA A 131 11.92 0.10 -10.47
N GLY A 132 11.51 -0.45 -9.34
CA GLY A 132 11.77 0.19 -8.06
C GLY A 132 13.25 0.30 -7.76
N LEU A 133 13.99 -0.76 -8.07
CA LEU A 133 15.43 -0.77 -7.83
C LEU A 133 16.10 0.25 -8.73
N VAL A 134 15.67 0.33 -9.98
CA VAL A 134 16.24 1.27 -10.92
C VAL A 134 16.03 2.69 -10.41
N ARG A 135 14.85 2.96 -9.86
CA ARG A 135 14.57 4.29 -9.31
C ARG A 135 15.49 4.57 -8.12
N ALA A 136 15.65 3.59 -7.25
CA ALA A 136 16.51 3.74 -6.07
C ALA A 136 17.97 4.01 -6.47
N PHE A 137 18.34 3.55 -7.67
CA PHE A 137 19.68 3.75 -8.18
C PHE A 137 19.87 5.10 -8.88
N ALA A 138 18.78 5.84 -9.06
CA ALA A 138 18.82 7.13 -9.75
C ALA A 138 20.01 8.03 -9.41
N PRO A 139 20.23 8.33 -8.12
CA PRO A 139 21.36 9.20 -7.75
C PRO A 139 22.74 8.59 -7.95
N PHE A 140 22.79 7.28 -8.19
CA PHE A 140 24.06 6.58 -8.38
C PHE A 140 24.41 6.33 -9.84
N ARG A 141 23.42 6.45 -10.72
CA ARG A 141 23.64 6.20 -12.15
C ARG A 141 24.44 7.30 -12.84
N SER A 142 25.40 6.88 -13.67
CA SER A 142 26.22 7.80 -14.43
C SER A 142 25.29 8.45 -15.45
N ALA A 143 24.41 7.64 -16.02
CA ALA A 143 23.46 8.12 -17.02
C ALA A 143 22.46 9.06 -16.37
N THR A 144 22.06 10.09 -17.11
CA THR A 144 21.10 11.06 -16.61
C THR A 144 19.81 11.00 -17.40
N VAL A 145 19.86 11.19 -18.63
N MET B 1 51.95 -39.58 -15.59
CA MET B 1 52.04 -39.55 -14.10
C MET B 1 52.58 -38.21 -13.58
N SER B 2 53.29 -37.48 -14.43
CA SER B 2 53.83 -36.19 -14.02
C SER B 2 52.90 -35.03 -14.40
N MET B 3 51.74 -35.36 -14.97
CA MET B 3 50.77 -34.33 -15.35
C MET B 3 50.35 -33.55 -14.12
N PRO B 4 50.20 -32.21 -14.25
CA PRO B 4 49.79 -31.38 -13.12
C PRO B 4 48.48 -31.87 -12.52
N ARG B 5 48.49 -32.08 -11.21
CA ARG B 5 47.28 -32.53 -10.54
C ARG B 5 46.65 -31.37 -9.81
N TYR B 6 45.46 -31.60 -9.28
CA TYR B 6 44.78 -30.57 -8.52
C TYR B 6 44.60 -31.15 -7.13
N TYR B 7 44.48 -30.28 -6.13
CA TYR B 7 44.25 -30.73 -4.77
C TYR B 7 42.74 -30.64 -4.63
N GLU B 8 42.10 -31.71 -4.16
CA GLU B 8 40.65 -31.69 -4.02
C GLU B 8 40.10 -31.64 -2.62
N TYR B 9 39.18 -30.71 -2.42
CA TYR B 9 38.49 -30.52 -1.16
C TYR B 9 37.02 -30.88 -1.42
N ARG B 10 36.51 -31.85 -0.67
CA ARG B 10 35.11 -32.26 -0.85
C ARG B 10 34.26 -31.79 0.32
N HIS B 11 33.06 -31.34 0.03
CA HIS B 11 32.17 -30.82 1.06
C HIS B 11 30.71 -31.10 0.74
N VAL B 12 29.95 -31.55 1.73
CA VAL B 12 28.53 -31.78 1.55
C VAL B 12 27.84 -30.51 2.05
N VAL B 13 27.09 -29.86 1.17
CA VAL B 13 26.41 -28.63 1.51
C VAL B 13 25.39 -28.82 2.62
N GLY B 14 25.44 -27.94 3.62
CA GLY B 14 24.52 -28.01 4.73
C GLY B 14 23.47 -26.91 4.69
N PHE B 15 22.61 -26.88 5.71
CA PHE B 15 21.56 -25.88 5.76
C PHE B 15 22.03 -24.50 6.19
N GLU B 16 23.12 -24.43 6.96
CA GLU B 16 23.60 -23.13 7.41
C GLU B 16 24.08 -22.31 6.22
N GLU B 17 24.55 -23.02 5.19
CA GLU B 17 25.07 -22.37 4.00
C GLU B 17 23.99 -21.89 3.04
N THR B 18 22.74 -22.26 3.30
CA THR B 18 21.65 -21.84 2.43
C THR B 18 20.96 -20.60 2.96
N ASN B 19 20.35 -19.84 2.04
CA ASN B 19 19.61 -18.64 2.38
C ASN B 19 18.13 -18.90 2.11
N LEU B 20 17.28 -17.91 2.33
CA LEU B 20 15.85 -18.07 2.10
C LEU B 20 15.51 -18.48 0.67
N VAL B 21 16.38 -18.11 -0.27
CA VAL B 21 16.19 -18.44 -1.68
C VAL B 21 16.18 -19.95 -1.87
N GLY B 22 16.92 -20.66 -1.02
CA GLY B 22 16.96 -22.11 -1.13
C GLY B 22 18.27 -22.66 -1.66
N ASN B 23 19.16 -21.77 -2.10
CA ASN B 23 20.46 -22.18 -2.62
C ASN B 23 21.56 -21.68 -1.69
N VAL B 24 22.81 -21.94 -2.05
CA VAL B 24 23.93 -21.51 -1.22
C VAL B 24 24.24 -20.03 -1.35
N TYR B 25 24.30 -19.35 -0.20
CA TYR B 25 24.62 -17.92 -0.17
C TYR B 25 26.04 -17.78 -0.75
N TYR B 26 26.24 -16.82 -1.64
CA TYR B 26 27.53 -16.63 -2.33
C TYR B 26 28.79 -16.60 -1.46
N VAL B 27 28.72 -15.96 -0.29
CA VAL B 27 29.87 -15.86 0.59
C VAL B 27 30.53 -17.22 0.86
N ASN B 28 29.71 -18.26 0.98
CA ASN B 28 30.26 -19.58 1.26
C ASN B 28 31.27 -20.08 0.22
N TYR B 29 31.11 -19.65 -1.03
CA TYR B 29 32.05 -20.07 -2.07
C TYR B 29 33.45 -19.52 -1.77
N LEU B 30 33.52 -18.30 -1.25
CA LEU B 30 34.82 -17.73 -0.92
C LEU B 30 35.38 -18.39 0.33
N ARG B 31 34.48 -18.80 1.21
CA ARG B 31 34.86 -19.50 2.43
C ARG B 31 35.56 -20.79 2.07
N TRP B 32 34.95 -21.52 1.15
CA TRP B 32 35.49 -22.80 0.71
C TRP B 32 36.87 -22.68 0.09
N GLN B 33 37.23 -21.49 -0.42
CA GLN B 33 38.56 -21.32 -0.99
C GLN B 33 39.56 -21.40 0.15
N GLY B 34 39.23 -20.75 1.26
CA GLY B 34 40.12 -20.74 2.41
C GLY B 34 40.18 -22.12 3.04
N ARG B 35 39.02 -22.78 3.09
CA ARG B 35 38.96 -24.10 3.68
C ARG B 35 39.81 -25.06 2.85
N CYS B 36 39.67 -24.98 1.54
CA CYS B 36 40.41 -25.83 0.63
C CYS B 36 41.91 -25.58 0.76
N ARG B 37 42.31 -24.31 0.73
CA ARG B 37 43.72 -24.01 0.84
C ARG B 37 44.30 -24.41 2.20
N GLU B 38 43.51 -24.32 3.27
CA GLU B 38 44.07 -24.70 4.56
C GLU B 38 44.10 -26.21 4.77
N MET B 39 43.19 -26.93 4.16
CA MET B 39 43.20 -28.38 4.30
C MET B 39 44.37 -28.91 3.47
N PHE B 40 44.73 -28.15 2.43
CA PHE B 40 45.88 -28.53 1.61
C PHE B 40 47.11 -28.43 2.51
N LEU B 41 47.20 -27.32 3.23
CA LEU B 41 48.31 -27.09 4.16
C LEU B 41 48.36 -28.17 5.23
N TYR B 42 47.19 -28.49 5.79
CA TYR B 42 47.09 -29.52 6.82
C TYR B 42 47.65 -30.85 6.32
N GLU B 43 47.29 -31.23 5.10
CA GLU B 43 47.75 -32.50 4.55
C GLU B 43 49.18 -32.51 3.99
N HIS B 44 49.58 -31.41 3.34
CA HIS B 44 50.89 -31.36 2.72
C HIS B 44 52.00 -30.55 3.38
N ALA B 45 51.64 -29.62 4.27
CA ALA B 45 52.64 -28.81 4.94
C ALA B 45 52.17 -28.32 6.29
N PRO B 46 51.70 -29.25 7.15
CA PRO B 46 51.21 -28.88 8.48
C PRO B 46 52.17 -28.04 9.32
N GLU B 47 53.47 -28.19 9.07
CA GLU B 47 54.47 -27.44 9.83
C GLU B 47 54.39 -25.93 9.61
N ILE B 48 53.57 -25.49 8.66
CA ILE B 48 53.44 -24.06 8.40
C ILE B 48 52.71 -23.35 9.55
N LEU B 49 51.93 -24.11 10.32
CA LEU B 49 51.19 -23.55 11.45
C LEU B 49 52.13 -22.92 12.48
N ASP B 50 53.21 -23.61 12.79
CA ASP B 50 54.18 -23.11 13.76
C ASP B 50 54.73 -21.78 13.28
N GLU B 51 54.87 -21.64 11.97
CA GLU B 51 55.40 -20.41 11.39
C GLU B 51 54.32 -19.32 11.42
N LEU B 52 53.07 -19.73 11.22
CA LEU B 52 51.96 -18.79 11.23
C LEU B 52 51.67 -18.26 12.63
N ARG B 53 52.12 -18.99 13.64
CA ARG B 53 51.92 -18.60 15.03
C ARG B 53 53.03 -17.68 15.48
N ALA B 54 54.15 -17.76 14.79
CA ALA B 54 55.29 -16.92 15.11
C ALA B 54 55.19 -15.61 14.35
N ASP B 55 55.92 -15.51 13.25
CA ASP B 55 55.91 -14.29 12.47
C ASP B 55 55.44 -14.41 11.02
N LEU B 56 55.23 -15.63 10.53
CA LEU B 56 54.78 -15.80 9.15
C LEU B 56 53.30 -15.52 8.97
N LYS B 57 52.98 -14.74 7.94
CA LYS B 57 51.60 -14.40 7.63
C LYS B 57 51.30 -14.58 6.15
N LEU B 58 50.18 -15.25 5.85
CA LEU B 58 49.78 -15.43 4.47
C LEU B 58 48.74 -14.34 4.24
N PHE B 59 49.15 -13.27 3.57
CA PHE B 59 48.26 -12.15 3.30
C PHE B 59 47.55 -12.32 1.97
N THR B 60 46.21 -12.39 2.00
CA THR B 60 45.46 -12.53 0.77
C THR B 60 45.36 -11.17 0.10
N LEU B 61 45.96 -11.06 -1.08
CA LEU B 61 45.96 -9.81 -1.84
C LEU B 61 44.70 -9.68 -2.68
N LYS B 62 44.13 -10.81 -3.07
CA LYS B 62 42.93 -10.79 -3.88
C LYS B 62 42.19 -12.11 -3.82
N ALA B 63 40.86 -12.04 -3.76
CA ALA B 63 40.01 -13.22 -3.75
C ALA B 63 38.83 -12.93 -4.65
N GLU B 64 38.54 -13.86 -5.55
CA GLU B 64 37.43 -13.67 -6.47
C GLU B 64 36.75 -14.98 -6.81
N CYS B 65 35.48 -14.88 -7.20
CA CYS B 65 34.72 -16.05 -7.57
C CYS B 65 33.64 -15.65 -8.57
N GLU B 66 33.44 -16.50 -9.57
CA GLU B 66 32.40 -16.28 -10.58
C GLU B 66 31.48 -17.48 -10.44
N PHE B 67 30.18 -17.20 -10.45
CA PHE B 67 29.15 -18.22 -10.23
C PHE B 67 28.34 -18.54 -11.49
N PHE B 68 28.24 -19.82 -11.81
CA PHE B 68 27.54 -20.26 -13.02
C PHE B 68 26.25 -21.03 -12.77
N ALA B 69 26.10 -21.58 -11.57
CA ALA B 69 24.91 -22.36 -11.26
C ALA B 69 24.59 -22.28 -9.78
N GLU B 70 23.57 -23.03 -9.37
CA GLU B 70 23.17 -23.04 -7.97
C GLU B 70 23.54 -24.35 -7.29
N LEU B 71 23.74 -24.28 -5.99
CA LEU B 71 24.05 -25.44 -5.17
C LEU B 71 22.96 -25.53 -4.13
N ALA B 72 22.43 -26.73 -3.92
CA ALA B 72 21.36 -26.93 -2.94
C ALA B 72 21.87 -27.73 -1.74
N PRO B 73 21.13 -27.70 -0.63
CA PRO B 73 21.55 -28.45 0.56
C PRO B 73 21.74 -29.90 0.17
N PHE B 74 22.72 -30.57 0.77
CA PHE B 74 23.02 -31.97 0.51
C PHE B 74 23.72 -32.26 -0.81
N ASP B 75 24.00 -31.21 -1.59
CA ASP B 75 24.73 -31.39 -2.84
C ASP B 75 26.15 -31.75 -2.45
N ARG B 76 26.82 -32.57 -3.26
CA ARG B 76 28.20 -32.93 -2.99
C ARG B 76 29.07 -32.02 -3.83
N LEU B 77 29.93 -31.28 -3.16
CA LEU B 77 30.80 -30.33 -3.83
C LEU B 77 32.26 -30.78 -3.83
N ALA B 78 32.95 -30.44 -4.93
CA ALA B 78 34.37 -30.73 -5.03
C ALA B 78 35.04 -29.42 -5.44
N VAL B 79 35.96 -28.94 -4.61
CA VAL B 79 36.71 -27.72 -4.92
C VAL B 79 38.10 -28.20 -5.28
N ARG B 80 38.50 -27.96 -6.54
CA ARG B 80 39.81 -28.38 -7.02
C ARG B 80 40.74 -27.19 -7.13
N MET B 81 41.87 -27.26 -6.43
CA MET B 81 42.83 -26.17 -6.39
C MET B 81 44.14 -26.49 -7.11
N ARG B 82 44.68 -25.48 -7.78
CA ARG B 82 45.94 -25.61 -8.48
C ARG B 82 46.76 -24.36 -8.23
N LEU B 83 48.08 -24.51 -8.21
CA LEU B 83 48.97 -23.36 -8.05
C LEU B 83 49.14 -22.90 -9.49
N VAL B 84 48.62 -21.71 -9.79
CA VAL B 84 48.71 -21.22 -11.16
C VAL B 84 49.90 -20.32 -11.45
N GLU B 85 50.44 -19.67 -10.42
CA GLU B 85 51.59 -18.79 -10.59
C GLU B 85 52.37 -18.65 -9.29
N LEU B 86 53.70 -18.66 -9.40
CA LEU B 86 54.56 -18.52 -8.23
C LEU B 86 55.69 -17.56 -8.51
N THR B 87 55.70 -16.42 -7.84
CA THR B 87 56.77 -15.46 -8.02
C THR B 87 57.70 -15.59 -6.82
N GLN B 88 58.56 -14.59 -6.61
CA GLN B 88 59.47 -14.64 -5.48
C GLN B 88 58.75 -14.61 -4.14
N THR B 89 57.72 -13.78 -4.03
CA THR B 89 57.01 -13.67 -2.76
C THR B 89 55.50 -13.88 -2.80
N GLN B 90 54.97 -14.17 -3.99
CA GLN B 90 53.52 -14.36 -4.13
C GLN B 90 53.11 -15.67 -4.80
N MET B 91 51.86 -16.06 -4.58
CA MET B 91 51.30 -17.27 -5.15
C MET B 91 49.89 -16.96 -5.66
N GLU B 92 49.53 -17.51 -6.81
CA GLU B 92 48.17 -17.32 -7.32
C GLU B 92 47.55 -18.71 -7.35
N LEU B 93 46.40 -18.86 -6.71
CA LEU B 93 45.71 -20.15 -6.67
C LEU B 93 44.43 -20.13 -7.48
N GLY B 94 44.17 -21.21 -8.21
CA GLY B 94 42.97 -21.32 -9.00
C GLY B 94 42.04 -22.36 -8.38
N PHE B 95 40.74 -22.06 -8.36
CA PHE B 95 39.75 -22.95 -7.76
C PHE B 95 38.61 -23.27 -8.72
N ASP B 96 38.35 -24.55 -8.94
CA ASP B 96 37.24 -24.95 -9.80
C ASP B 96 36.26 -25.69 -8.90
N TYR B 97 34.99 -25.26 -8.94
CA TYR B 97 33.95 -25.84 -8.11
C TYR B 97 33.02 -26.74 -8.92
N LEU B 98 32.88 -27.99 -8.52
CA LEU B 98 32.01 -28.90 -9.24
C LEU B 98 30.96 -29.56 -8.34
N ARG B 99 29.75 -29.70 -8.85
CA ARG B 99 28.70 -30.38 -8.13
C ARG B 99 28.85 -31.82 -8.63
N LEU B 100 29.11 -32.75 -7.72
CA LEU B 100 29.29 -34.14 -8.10
C LEU B 100 27.96 -34.85 -8.30
N GLY B 101 27.82 -35.49 -9.45
CA GLY B 101 26.61 -36.22 -9.75
C GLY B 101 26.98 -37.17 -10.88
N GLY B 102 26.00 -37.60 -11.66
CA GLY B 102 26.32 -38.48 -12.77
C GLY B 102 27.29 -37.69 -13.61
N ASP B 103 26.86 -36.49 -13.97
CA ASP B 103 27.68 -35.57 -14.75
C ASP B 103 28.13 -34.43 -13.85
N ASP B 104 29.43 -34.37 -13.59
CA ASP B 104 29.97 -33.32 -12.74
C ASP B 104 29.72 -31.96 -13.40
N LEU B 105 28.97 -31.10 -12.72
CA LEU B 105 28.65 -29.78 -13.24
C LEU B 105 29.54 -28.70 -12.63
N LEU B 106 30.17 -27.90 -13.50
CA LEU B 106 31.03 -26.82 -13.02
C LEU B 106 30.07 -25.71 -12.56
N VAL B 107 30.10 -25.39 -11.27
CA VAL B 107 29.20 -24.37 -10.75
C VAL B 107 29.84 -23.02 -10.52
N ALA B 108 31.17 -22.98 -10.48
CA ALA B 108 31.88 -21.72 -10.27
C ALA B 108 33.39 -21.88 -10.45
N ARG B 109 34.07 -20.74 -10.60
CA ARG B 109 35.52 -20.73 -10.72
C ARG B 109 36.01 -19.58 -9.86
N GLY B 110 37.08 -19.82 -9.10
CA GLY B 110 37.63 -18.79 -8.25
C GLY B 110 39.13 -18.66 -8.37
N ARG B 111 39.67 -17.60 -7.78
CA ARG B 111 41.10 -17.36 -7.83
C ARG B 111 41.53 -16.51 -6.65
N GLN B 112 42.74 -16.76 -6.15
CA GLN B 112 43.28 -15.98 -5.05
C GLN B 112 44.74 -15.65 -5.32
N ARG B 113 45.16 -14.48 -4.82
CA ARG B 113 46.54 -14.03 -4.92
C ARG B 113 46.96 -13.89 -3.47
N ILE B 114 48.04 -14.55 -3.09
CA ILE B 114 48.52 -14.49 -1.71
C ILE B 114 49.97 -14.06 -1.61
N ALA B 115 50.25 -13.20 -0.65
CA ALA B 115 51.61 -12.71 -0.44
C ALA B 115 52.13 -13.18 0.91
N CYS B 116 53.38 -13.63 0.94
CA CYS B 116 53.99 -14.09 2.17
C CYS B 116 54.68 -12.92 2.87
N MET B 117 54.46 -12.79 4.17
CA MET B 117 55.08 -11.71 4.92
C MET B 117 55.46 -12.14 6.33
N ARG B 118 56.41 -11.42 6.90
CA ARG B 118 56.91 -11.67 8.24
C ARG B 118 57.12 -10.33 8.90
N GLY B 119 56.76 -10.21 10.17
CA GLY B 119 56.99 -8.96 10.85
C GLY B 119 55.96 -8.48 11.83
N PRO B 120 56.33 -7.46 12.61
CA PRO B 120 55.46 -6.85 13.62
C PRO B 120 54.13 -6.55 12.97
N ASN B 121 53.07 -7.17 13.48
CA ASN B 121 51.72 -6.98 12.97
C ASN B 121 51.45 -5.49 12.68
N GLY B 122 51.59 -5.10 11.41
CA GLY B 122 51.38 -3.71 11.03
C GLY B 122 52.66 -3.17 10.44
N ARG B 123 53.76 -3.82 10.80
CA ARG B 123 55.09 -3.47 10.31
C ARG B 123 55.60 -4.74 9.66
N THR B 124 54.92 -5.16 8.60
CA THR B 124 55.28 -6.37 7.89
C THR B 124 56.11 -6.15 6.64
N GLU B 125 57.07 -7.04 6.43
CA GLU B 125 57.94 -6.98 5.27
C GLU B 125 57.70 -8.25 4.47
N PRO B 126 57.70 -8.13 3.13
CA PRO B 126 57.48 -9.31 2.29
C PRO B 126 58.66 -10.28 2.37
N VAL B 127 58.37 -11.57 2.31
CA VAL B 127 59.41 -12.57 2.36
C VAL B 127 59.19 -13.55 1.22
N ARG B 128 60.24 -14.24 0.80
CA ARG B 128 60.12 -15.20 -0.28
C ARG B 128 59.27 -16.37 0.21
N VAL B 129 58.42 -16.90 -0.67
CA VAL B 129 57.57 -18.01 -0.33
C VAL B 129 58.41 -19.09 0.37
N PRO B 130 57.96 -19.56 1.54
CA PRO B 130 58.67 -20.60 2.30
C PRO B 130 59.00 -21.81 1.43
N ALA B 131 60.24 -22.29 1.55
CA ALA B 131 60.71 -23.44 0.79
C ALA B 131 59.80 -24.66 0.92
N GLY B 132 59.41 -24.95 2.15
CA GLY B 132 58.56 -26.10 2.40
C GLY B 132 57.24 -26.00 1.66
N LEU B 133 56.71 -24.79 1.60
CA LEU B 133 55.45 -24.54 0.92
C LEU B 133 55.63 -24.69 -0.58
N VAL B 134 56.71 -24.11 -1.12
CA VAL B 134 56.98 -24.21 -2.56
C VAL B 134 57.05 -25.68 -2.98
N ARG B 135 57.76 -26.49 -2.20
CA ARG B 135 57.88 -27.91 -2.51
C ARG B 135 56.52 -28.60 -2.42
N ALA B 136 55.75 -28.28 -1.38
CA ALA B 136 54.45 -28.88 -1.19
C ALA B 136 53.50 -28.62 -2.36
N PHE B 137 53.58 -27.43 -2.94
CA PHE B 137 52.72 -27.07 -4.08
C PHE B 137 53.20 -27.63 -5.42
N ALA B 138 54.47 -28.03 -5.47
CA ALA B 138 55.08 -28.55 -6.70
C ALA B 138 54.18 -29.43 -7.56
N PRO B 139 53.68 -30.55 -7.03
CA PRO B 139 52.83 -31.45 -7.80
C PRO B 139 51.49 -30.89 -8.26
N PHE B 140 51.07 -29.76 -7.69
CA PHE B 140 49.80 -29.16 -8.07
C PHE B 140 49.99 -27.88 -8.86
N ARG B 141 51.22 -27.64 -9.32
CA ARG B 141 51.53 -26.45 -10.08
C ARG B 141 51.05 -26.59 -11.52
N SER B 142 50.25 -25.63 -11.95
CA SER B 142 49.70 -25.62 -13.30
C SER B 142 50.63 -24.80 -14.19
N ALA B 143 50.88 -25.29 -15.40
CA ALA B 143 51.75 -24.59 -16.34
C ALA B 143 50.96 -23.67 -17.26
N THR B 144 49.67 -23.93 -17.40
CA THR B 144 48.80 -23.12 -18.26
C THR B 144 47.64 -22.52 -17.47
N VAL B 145 46.90 -23.30 -16.82
N MET C 1 -50.23 7.94 22.26
CA MET C 1 -50.12 8.92 23.37
C MET C 1 -49.31 10.13 22.92
N SER C 2 -48.91 10.95 23.88
CA SER C 2 -48.12 12.13 23.58
C SER C 2 -46.68 11.96 24.03
N MET C 3 -46.33 10.76 24.48
CA MET C 3 -44.97 10.48 24.93
C MET C 3 -43.98 10.80 23.81
N PRO C 4 -42.83 11.40 24.16
CA PRO C 4 -41.84 11.72 23.14
C PRO C 4 -41.47 10.45 22.38
N ARG C 5 -41.25 10.58 21.08
CA ARG C 5 -40.89 9.43 20.27
C ARG C 5 -39.52 9.66 19.67
N TYR C 6 -38.97 8.63 19.05
CA TYR C 6 -37.70 8.76 18.37
C TYR C 6 -37.97 8.44 16.91
N TYR C 7 -37.14 8.96 16.04
CA TYR C 7 -37.24 8.70 14.61
C TYR C 7 -36.25 7.58 14.38
N GLU C 8 -36.67 6.52 13.69
CA GLU C 8 -35.77 5.40 13.45
C GLU C 8 -35.35 5.22 12.00
N TYR C 9 -34.06 5.03 11.82
CA TYR C 9 -33.47 4.80 10.51
C TYR C 9 -32.89 3.39 10.62
N ARG C 10 -33.31 2.49 9.73
CA ARG C 10 -32.82 1.11 9.77
C ARG C 10 -31.83 0.87 8.65
N HIS C 11 -30.79 0.08 8.95
CA HIS C 11 -29.75 -0.18 7.97
C HIS C 11 -29.12 -1.55 8.18
N VAL C 12 -28.87 -2.25 7.08
CA VAL C 12 -28.22 -3.56 7.13
C VAL C 12 -26.76 -3.30 6.77
N VAL C 13 -25.86 -3.56 7.70
CA VAL C 13 -24.43 -3.32 7.46
C VAL C 13 -23.89 -4.13 6.28
N GLY C 14 -23.23 -3.44 5.36
CA GLY C 14 -22.66 -4.09 4.18
C GLY C 14 -21.17 -4.35 4.28
N PHE C 15 -20.61 -5.03 3.29
CA PHE C 15 -19.19 -5.35 3.27
C PHE C 15 -18.27 -4.12 3.10
N GLU C 16 -18.73 -3.12 2.35
CA GLU C 16 -17.93 -1.93 2.14
C GLU C 16 -17.68 -1.16 3.44
N GLU C 17 -18.59 -1.30 4.40
CA GLU C 17 -18.47 -0.59 5.66
C GLU C 17 -17.54 -1.26 6.67
N THR C 18 -17.04 -2.45 6.33
CA THR C 18 -16.13 -3.16 7.23
C THR C 18 -14.68 -2.72 7.07
N ASN C 19 -13.87 -2.91 8.11
CA ASN C 19 -12.47 -2.54 8.03
C ASN C 19 -11.63 -3.79 7.90
N LEU C 20 -10.31 -3.61 7.86
CA LEU C 20 -9.36 -4.72 7.73
C LEU C 20 -9.52 -5.79 8.80
N VAL C 21 -9.84 -5.38 10.02
CA VAL C 21 -9.98 -6.33 11.12
C VAL C 21 -11.33 -7.05 11.18
N GLY C 22 -12.28 -6.65 10.36
CA GLY C 22 -13.56 -7.33 10.36
C GLY C 22 -14.79 -6.63 10.91
N ASN C 23 -14.62 -5.53 11.62
CA ASN C 23 -15.78 -4.82 12.15
C ASN C 23 -16.08 -3.61 11.27
N VAL C 24 -16.96 -2.73 11.71
CA VAL C 24 -17.30 -1.56 10.92
C VAL C 24 -16.30 -0.43 11.12
N TYR C 25 -15.80 0.14 10.02
CA TYR C 25 -14.87 1.25 10.10
C TYR C 25 -15.65 2.39 10.78
N TYR C 26 -15.06 2.96 11.83
CA TYR C 26 -15.69 4.00 12.63
C TYR C 26 -16.36 5.17 11.91
N VAL C 27 -15.78 5.64 10.81
CA VAL C 27 -16.35 6.78 10.10
C VAL C 27 -17.80 6.51 9.69
N ASN C 28 -18.11 5.27 9.36
CA ASN C 28 -19.47 4.93 8.93
C ASN C 28 -20.55 5.30 9.95
N TYR C 29 -20.23 5.21 11.25
CA TYR C 29 -21.20 5.57 12.28
C TYR C 29 -21.58 7.04 12.15
N LEU C 30 -20.62 7.87 11.73
CA LEU C 30 -20.89 9.28 11.53
C LEU C 30 -21.69 9.47 10.24
N ARG C 31 -21.44 8.59 9.26
CA ARG C 31 -22.17 8.64 8.00
C ARG C 31 -23.64 8.37 8.31
N TRP C 32 -23.88 7.36 9.15
CA TRP C 32 -25.24 6.96 9.51
C TRP C 32 -26.01 8.08 10.22
N GLN C 33 -25.29 8.95 10.91
CA GLN C 33 -25.91 10.10 11.58
C GLN C 33 -26.51 11.02 10.54
N GLY C 34 -25.73 11.30 9.50
CA GLY C 34 -26.18 12.18 8.44
C GLY C 34 -27.29 11.52 7.65
N ARG C 35 -27.15 10.23 7.42
CA ARG C 35 -28.15 9.48 6.69
C ARG C 35 -29.48 9.52 7.44
N CYS C 36 -29.42 9.26 8.74
CA CYS C 36 -30.60 9.26 9.59
C CYS C 36 -31.28 10.62 9.58
N ARG C 37 -30.52 11.69 9.77
CA ARG C 37 -31.11 13.02 9.79
C ARG C 37 -31.69 13.41 8.42
N GLU C 38 -31.07 12.95 7.34
CA GLU C 38 -31.57 13.26 6.00
C GLU C 38 -32.85 12.48 5.69
N MET C 39 -32.94 11.24 6.14
CA MET C 39 -34.15 10.47 5.89
C MET C 39 -35.28 11.02 6.74
N PHE C 40 -34.94 11.61 7.88
CA PHE C 40 -35.95 12.23 8.74
C PHE C 40 -36.56 13.39 7.93
N LEU C 41 -35.71 14.18 7.28
CA LEU C 41 -36.20 15.29 6.48
C LEU C 41 -37.03 14.76 5.33
N TYR C 42 -36.55 13.69 4.69
CA TYR C 42 -37.26 13.08 3.58
C TYR C 42 -38.68 12.69 3.98
N GLU C 43 -38.82 12.04 5.13
CA GLU C 43 -40.14 11.60 5.60
C GLU C 43 -41.00 12.66 6.29
N HIS C 44 -40.37 13.57 7.03
CA HIS C 44 -41.13 14.55 7.81
C HIS C 44 -41.02 16.03 7.46
N ALA C 45 -40.06 16.40 6.63
CA ALA C 45 -39.90 17.81 6.25
C ALA C 45 -39.13 17.94 4.95
N PRO C 46 -39.56 17.22 3.89
CA PRO C 46 -38.88 17.26 2.60
C PRO C 46 -38.66 18.67 2.05
N GLU C 47 -39.52 19.60 2.43
CA GLU C 47 -39.40 20.98 1.96
C GLU C 47 -38.07 21.63 2.31
N ILE C 48 -37.38 21.09 3.32
CA ILE C 48 -36.10 21.64 3.72
C ILE C 48 -35.09 21.51 2.59
N LEU C 49 -35.17 20.42 1.84
CA LEU C 49 -34.27 20.23 0.72
C LEU C 49 -34.43 21.39 -0.24
N ASP C 50 -35.68 21.79 -0.48
CA ASP C 50 -35.93 22.91 -1.39
C ASP C 50 -35.27 24.18 -0.84
N GLU C 51 -35.29 24.35 0.48
CA GLU C 51 -34.68 25.52 1.09
C GLU C 51 -33.15 25.46 0.98
N LEU C 52 -32.58 24.27 1.21
CA LEU C 52 -31.14 24.09 1.12
C LEU C 52 -30.70 24.38 -0.31
N ARG C 53 -31.59 24.06 -1.26
CA ARG C 53 -31.32 24.30 -2.66
C ARG C 53 -31.38 25.79 -2.99
N ALA C 54 -31.93 26.57 -2.05
CA ALA C 54 -32.03 28.00 -2.26
C ALA C 54 -30.95 28.74 -1.48
N ASP C 55 -31.34 29.27 -0.32
CA ASP C 55 -30.45 30.06 0.50
C ASP C 55 -30.11 29.46 1.87
N LEU C 56 -30.93 28.53 2.33
CA LEU C 56 -30.72 27.91 3.63
C LEU C 56 -29.49 27.01 3.72
N LYS C 57 -28.82 27.08 4.85
CA LYS C 57 -27.65 26.25 5.12
C LYS C 57 -27.78 25.70 6.53
N LEU C 58 -27.56 24.40 6.67
CA LEU C 58 -27.61 23.78 7.98
C LEU C 58 -26.17 23.43 8.28
N PHE C 59 -25.51 24.30 9.04
CA PHE C 59 -24.10 24.15 9.39
C PHE C 59 -23.93 23.32 10.65
N THR C 60 -23.23 22.19 10.51
CA THR C 60 -22.98 21.34 11.66
C THR C 60 -21.86 21.96 12.46
N LEU C 61 -22.16 22.30 13.71
CA LEU C 61 -21.20 22.91 14.61
C LEU C 61 -20.38 21.85 15.32
N LYS C 62 -20.99 20.70 15.54
CA LYS C 62 -20.30 19.62 16.22
C LYS C 62 -20.94 18.27 15.93
N ALA C 63 -20.11 17.25 15.78
CA ALA C 63 -20.58 15.90 15.52
C ALA C 63 -19.71 14.99 16.37
N GLU C 64 -20.33 14.08 17.09
CA GLU C 64 -19.59 13.17 17.95
C GLU C 64 -20.23 11.80 18.03
N CYS C 65 -19.41 10.81 18.35
CA CYS C 65 -19.88 9.45 18.49
C CYS C 65 -18.97 8.67 19.44
N GLU C 66 -19.59 7.90 20.33
CA GLU C 66 -18.86 7.05 21.26
C GLU C 66 -19.28 5.63 20.89
N PHE C 67 -18.29 4.75 20.80
CA PHE C 67 -18.51 3.36 20.37
C PHE C 67 -18.37 2.38 21.53
N PHE C 68 -19.39 1.54 21.70
CA PHE C 68 -19.40 0.59 22.82
C PHE C 68 -19.29 -0.88 22.45
N ALA C 69 -19.57 -1.22 21.19
CA ALA C 69 -19.52 -2.62 20.79
C ALA C 69 -19.20 -2.77 19.32
N GLU C 70 -18.89 -3.99 18.92
CA GLU C 70 -18.56 -4.28 17.53
C GLU C 70 -19.79 -4.60 16.70
N LEU C 71 -19.80 -4.08 15.48
CA LEU C 71 -20.87 -4.36 14.53
C LEU C 71 -20.22 -5.22 13.46
N ALA C 72 -20.95 -6.23 13.00
CA ALA C 72 -20.42 -7.13 11.98
C ALA C 72 -21.21 -6.97 10.69
N PRO C 73 -20.61 -7.36 9.56
CA PRO C 73 -21.37 -7.22 8.31
C PRO C 73 -22.69 -7.98 8.40
N PHE C 74 -23.74 -7.35 7.86
CA PHE C 74 -25.09 -7.91 7.84
C PHE C 74 -25.84 -7.88 9.16
N ASP C 75 -25.34 -7.06 10.08
CA ASP C 75 -26.04 -6.89 11.34
C ASP C 75 -27.14 -5.91 10.96
N ARG C 76 -28.27 -6.00 11.64
CA ARG C 76 -29.37 -5.09 11.37
C ARG C 76 -29.19 -3.97 12.38
N LEU C 77 -29.07 -2.74 11.89
CA LEU C 77 -28.85 -1.60 12.75
C LEU C 77 -30.02 -0.64 12.76
N ALA C 78 -30.29 -0.07 13.93
CA ALA C 78 -31.35 0.92 14.06
C ALA C 78 -30.70 2.15 14.68
N VAL C 79 -30.82 3.28 14.01
CA VAL C 79 -30.29 4.53 14.56
C VAL C 79 -31.53 5.31 14.95
N ARG C 80 -31.67 5.57 16.25
CA ARG C 80 -32.83 6.29 16.76
C ARG C 80 -32.44 7.70 17.13
N MET C 81 -33.10 8.65 16.47
CA MET C 81 -32.82 10.07 16.65
C MET C 81 -33.91 10.82 17.41
N ARG C 82 -33.48 11.77 18.23
CA ARG C 82 -34.38 12.61 19.02
C ARG C 82 -33.84 14.03 18.99
N LEU C 83 -34.75 15.01 19.09
CA LEU C 83 -34.35 16.41 19.14
C LEU C 83 -34.14 16.66 20.63
N VAL C 84 -32.89 16.87 21.05
CA VAL C 84 -32.59 17.09 22.46
C VAL C 84 -32.56 18.54 22.91
N GLU C 85 -32.31 19.45 21.98
CA GLU C 85 -32.30 20.87 22.32
C GLU C 85 -32.68 21.69 21.11
N LEU C 86 -33.39 22.79 21.34
CA LEU C 86 -33.81 23.66 20.26
C LEU C 86 -33.81 25.11 20.73
N THR C 87 -32.93 25.92 20.17
CA THR C 87 -32.87 27.33 20.54
C THR C 87 -33.49 28.13 19.40
N GLN C 88 -33.21 29.43 19.34
CA GLN C 88 -33.78 30.22 18.26
C GLN C 88 -33.19 29.82 16.91
N THR C 89 -31.88 29.58 16.88
CA THR C 89 -31.21 29.25 15.62
C THR C 89 -30.48 27.92 15.55
N GLN C 90 -30.44 27.18 16.65
CA GLN C 90 -29.73 25.92 16.67
C GLN C 90 -30.56 24.72 17.13
N MET C 91 -30.08 23.53 16.77
CA MET C 91 -30.74 22.29 17.16
C MET C 91 -29.66 21.32 17.60
N GLU C 92 -29.98 20.49 18.60
CA GLU C 92 -29.05 19.47 19.05
C GLU C 92 -29.80 18.17 18.87
N LEU C 93 -29.16 17.22 18.18
CA LEU C 93 -29.78 15.93 17.91
C LEU C 93 -29.03 14.81 18.62
N GLY C 94 -29.78 13.87 19.17
CA GLY C 94 -29.17 12.72 19.83
C GLY C 94 -29.43 11.49 18.98
N PHE C 95 -28.42 10.62 18.89
CA PHE C 95 -28.53 9.40 18.10
C PHE C 95 -28.14 8.20 18.95
N ASP C 96 -29.01 7.19 19.00
CA ASP C 96 -28.71 5.98 19.74
C ASP C 96 -28.64 4.84 18.71
N TYR C 97 -27.53 4.11 18.70
CA TYR C 97 -27.34 3.03 17.75
C TYR C 97 -27.58 1.66 18.39
N LEU C 98 -28.47 0.89 17.80
CA LEU C 98 -28.79 -0.43 18.32
C LEU C 98 -28.63 -1.55 17.29
N ARG C 99 -28.10 -2.68 17.73
CA ARG C 99 -27.99 -3.84 16.84
C ARG C 99 -29.27 -4.61 17.18
N LEU C 100 -30.10 -4.85 16.18
CA LEU C 100 -31.36 -5.56 16.40
C LEU C 100 -31.16 -7.06 16.34
N GLY C 101 -31.99 -7.80 17.07
CA GLY C 101 -31.87 -9.25 17.07
C GLY C 101 -31.92 -9.77 18.49
N GLY C 102 -32.97 -10.50 18.83
CA GLY C 102 -33.12 -11.00 20.17
C GLY C 102 -33.18 -9.81 21.10
N ASP C 103 -32.17 -9.66 21.94
CA ASP C 103 -32.12 -8.52 22.86
C ASP C 103 -31.35 -7.40 22.18
N ASP C 104 -32.04 -6.30 21.86
CA ASP C 104 -31.39 -5.18 21.20
C ASP C 104 -30.14 -4.78 21.99
N LEU C 105 -29.06 -4.53 21.27
CA LEU C 105 -27.81 -4.15 21.92
C LEU C 105 -27.40 -2.74 21.53
N LEU C 106 -27.13 -1.90 22.53
CA LEU C 106 -26.69 -0.53 22.27
C LEU C 106 -25.22 -0.61 21.90
N VAL C 107 -24.89 -0.23 20.66
CA VAL C 107 -23.51 -0.28 20.20
C VAL C 107 -22.84 1.08 20.13
N ALA C 108 -23.62 2.15 20.23
CA ALA C 108 -23.05 3.49 20.18
C ALA C 108 -24.07 4.57 20.48
N ARG C 109 -23.56 5.77 20.73
CA ARG C 109 -24.38 6.95 21.00
C ARG C 109 -23.70 8.14 20.35
N GLY C 110 -24.46 8.93 19.62
CA GLY C 110 -23.90 10.09 18.95
C GLY C 110 -24.69 11.35 19.23
N ARG C 111 -24.14 12.48 18.84
CA ARG C 111 -24.79 13.76 19.07
C ARG C 111 -24.29 14.76 18.05
N GLN C 112 -25.17 15.67 17.62
CA GLN C 112 -24.82 16.69 16.66
C GLN C 112 -25.44 18.02 17.07
N ARG C 113 -24.73 19.10 16.76
CA ARG C 113 -25.22 20.45 17.05
C ARG C 113 -25.24 21.12 15.69
N ILE C 114 -26.40 21.65 15.29
CA ILE C 114 -26.54 22.28 13.99
C ILE C 114 -27.07 23.71 14.09
N ALA C 115 -26.53 24.59 13.27
CA ALA C 115 -26.96 25.99 13.28
C ALA C 115 -27.54 26.36 11.92
N CYS C 116 -28.66 27.08 11.96
CA CYS C 116 -29.32 27.50 10.72
C CYS C 116 -28.81 28.86 10.30
N MET C 117 -28.52 28.99 9.00
CA MET C 117 -28.05 30.25 8.46
C MET C 117 -28.44 30.38 7.00
N ARG C 118 -28.52 31.62 6.53
CA ARG C 118 -28.88 31.87 5.14
C ARG C 118 -27.92 32.82 4.44
N GLY C 119 -28.09 32.94 3.14
CA GLY C 119 -27.23 33.79 2.35
C GLY C 119 -26.18 32.92 1.69
N PRO C 120 -25.42 33.45 0.71
CA PRO C 120 -24.39 32.69 0.02
C PRO C 120 -23.09 32.52 0.82
N ASN C 121 -22.37 31.45 0.51
CA ASN C 121 -21.12 31.11 1.17
C ASN C 121 -20.25 32.33 1.49
N GLY C 122 -19.71 32.33 2.71
CA GLY C 122 -18.87 33.44 3.15
C GLY C 122 -19.69 34.62 3.63
N ARG C 123 -20.93 34.68 3.17
CA ARG C 123 -21.83 35.77 3.54
C ARG C 123 -23.08 35.28 4.26
N THR C 124 -22.93 34.31 5.14
CA THR C 124 -24.10 33.79 5.86
C THR C 124 -24.31 34.45 7.20
N GLU C 125 -25.58 34.59 7.58
CA GLU C 125 -25.95 35.16 8.86
C GLU C 125 -26.96 34.21 9.48
N PRO C 126 -26.90 34.03 10.81
CA PRO C 126 -27.82 33.12 11.49
C PRO C 126 -29.30 33.44 11.24
N VAL C 127 -30.12 32.39 11.18
CA VAL C 127 -31.56 32.54 10.97
C VAL C 127 -32.28 31.56 11.90
N ARG C 128 -33.52 31.88 12.24
CA ARG C 128 -34.28 31.01 13.12
C ARG C 128 -34.58 29.69 12.41
N VAL C 129 -34.58 28.60 13.17
CA VAL C 129 -34.86 27.29 12.60
C VAL C 129 -36.18 27.37 11.84
N PRO C 130 -36.20 26.94 10.57
CA PRO C 130 -37.43 26.99 9.76
C PRO C 130 -38.64 26.42 10.49
N ALA C 131 -39.77 27.12 10.40
CA ALA C 131 -41.00 26.71 11.05
C ALA C 131 -41.40 25.28 10.75
N GLY C 132 -41.32 24.90 9.48
CA GLY C 132 -41.68 23.56 9.09
C GLY C 132 -40.86 22.51 9.82
N LEU C 133 -39.57 22.79 9.99
CA LEU C 133 -38.67 21.87 10.67
C LEU C 133 -39.03 21.78 12.15
N VAL C 134 -39.28 22.93 12.77
CA VAL C 134 -39.64 22.94 14.19
C VAL C 134 -40.87 22.06 14.44
N ARG C 135 -41.89 22.17 13.60
CA ARG C 135 -43.10 21.37 13.76
C ARG C 135 -42.88 19.90 13.50
N ALA C 136 -41.99 19.61 12.55
CA ALA C 136 -41.68 18.22 12.21
C ALA C 136 -41.02 17.53 13.40
N PHE C 137 -40.17 18.26 14.11
CA PHE C 137 -39.46 17.72 15.26
C PHE C 137 -40.31 17.52 16.51
N ALA C 138 -41.35 18.35 16.66
CA ALA C 138 -42.23 18.31 17.82
C ALA C 138 -42.45 16.95 18.48
N PRO C 139 -43.00 15.98 17.75
CA PRO C 139 -43.23 14.65 18.33
C PRO C 139 -41.97 13.87 18.72
N PHE C 140 -40.83 14.30 18.20
CA PHE C 140 -39.56 13.62 18.48
C PHE C 140 -38.68 14.43 19.40
N ARG C 141 -39.25 15.49 19.98
CA ARG C 141 -38.49 16.35 20.85
C ARG C 141 -38.49 15.77 22.26
N SER C 142 -37.30 15.53 22.78
CA SER C 142 -37.20 14.98 24.13
C SER C 142 -36.76 16.07 25.08
N ALA C 143 -37.00 15.81 26.35
CA ALA C 143 -36.68 16.71 27.43
C ALA C 143 -36.35 15.71 28.48
N THR C 144 -36.72 14.52 28.35
N ARG D 5 6.13 18.09 19.07
CA ARG D 5 5.15 18.99 18.42
C ARG D 5 3.93 18.22 17.92
N TYR D 6 3.79 18.12 16.59
CA TYR D 6 2.64 17.44 16.01
C TYR D 6 2.99 16.72 14.70
N TYR D 7 2.09 15.82 14.28
CA TYR D 7 2.25 15.12 13.02
C TYR D 7 1.31 15.82 12.05
N GLU D 8 1.80 16.20 10.88
CA GLU D 8 0.96 16.90 9.92
C GLU D 8 0.52 16.13 8.68
N TYR D 9 -0.77 16.21 8.40
CA TYR D 9 -1.33 15.57 7.23
C TYR D 9 -1.93 16.68 6.34
N ARG D 10 -1.46 16.79 5.11
CA ARG D 10 -1.96 17.82 4.20
C ARG D 10 -2.91 17.27 3.14
N HIS D 11 -3.98 18.01 2.88
CA HIS D 11 -4.99 17.58 1.94
C HIS D 11 -5.62 18.74 1.16
N VAL D 12 -5.89 18.52 -0.11
CA VAL D 12 -6.54 19.52 -0.95
C VAL D 12 -7.96 19.02 -1.13
N VAL D 13 -8.92 19.83 -0.70
CA VAL D 13 -10.34 19.49 -0.78
C VAL D 13 -10.81 19.29 -2.22
N GLY D 14 -11.37 18.12 -2.51
CA GLY D 14 -11.86 17.83 -3.84
C GLY D 14 -13.36 18.00 -4.00
N PHE D 15 -13.85 17.88 -5.23
CA PHE D 15 -15.27 18.02 -5.51
C PHE D 15 -16.18 16.99 -4.84
N GLU D 16 -15.67 15.76 -4.71
CA GLU D 16 -16.46 14.69 -4.11
C GLU D 16 -16.75 14.93 -2.64
N GLU D 17 -15.96 15.80 -2.01
CA GLU D 17 -16.14 16.07 -0.59
C GLU D 17 -17.08 17.24 -0.31
N THR D 18 -17.60 17.86 -1.37
CA THR D 18 -18.51 19.00 -1.22
C THR D 18 -19.97 18.58 -1.05
N ASN D 19 -20.76 19.46 -0.45
CA ASN D 19 -22.19 19.18 -0.26
C ASN D 19 -23.02 20.04 -1.21
N LEU D 20 -24.34 19.91 -1.12
CA LEU D 20 -25.25 20.66 -1.97
C LEU D 20 -25.05 22.16 -1.83
N VAL D 21 -24.67 22.59 -0.63
CA VAL D 21 -24.46 24.00 -0.34
C VAL D 21 -23.17 24.56 -0.94
N GLY D 22 -22.27 23.67 -1.34
CA GLY D 22 -21.02 24.13 -1.92
C GLY D 22 -19.89 24.12 -0.89
N ASN D 23 -20.19 23.63 0.29
CA ASN D 23 -19.20 23.54 1.36
C ASN D 23 -18.71 22.10 1.41
N VAL D 24 -18.01 21.75 2.49
CA VAL D 24 -17.51 20.39 2.66
C VAL D 24 -18.47 19.63 3.55
N TYR D 25 -18.97 18.50 3.06
CA TYR D 25 -19.88 17.68 3.85
C TYR D 25 -19.12 17.31 5.13
N TYR D 26 -19.72 17.64 6.28
CA TYR D 26 -19.10 17.42 7.59
C TYR D 26 -18.42 16.08 7.84
N VAL D 27 -18.99 14.99 7.32
CA VAL D 27 -18.41 13.67 7.54
C VAL D 27 -16.96 13.58 7.07
N ASN D 28 -16.62 14.31 6.02
CA ASN D 28 -15.26 14.27 5.51
C ASN D 28 -14.23 14.70 6.55
N TYR D 29 -14.61 15.60 7.46
CA TYR D 29 -13.66 16.03 8.49
C TYR D 29 -13.28 14.84 9.38
N LEU D 30 -14.24 13.94 9.61
CA LEU D 30 -13.98 12.77 10.42
C LEU D 30 -13.12 11.79 9.60
N ARG D 31 -13.31 11.79 8.28
CA ARG D 31 -12.51 10.93 7.42
C ARG D 31 -11.04 11.37 7.47
N TRP D 32 -10.84 12.68 7.50
CA TRP D 32 -9.48 13.22 7.53
C TRP D 32 -8.72 12.87 8.82
N GLN D 33 -9.43 12.66 9.92
CA GLN D 33 -8.75 12.28 11.18
C GLN D 33 -8.19 10.88 10.97
N GLY D 34 -9.00 10.02 10.36
CA GLY D 34 -8.59 8.65 10.11
C GLY D 34 -7.40 8.62 9.19
N ARG D 35 -7.49 9.40 8.12
CA ARG D 35 -6.43 9.51 7.14
C ARG D 35 -5.16 9.99 7.85
N CYS D 36 -5.30 11.05 8.64
CA CYS D 36 -4.17 11.61 9.37
C CYS D 36 -3.54 10.57 10.31
N ARG D 37 -4.35 9.94 11.15
CA ARG D 37 -3.79 8.97 12.09
C ARG D 37 -3.14 7.79 11.38
N GLU D 38 -3.71 7.38 10.25
CA GLU D 38 -3.18 6.25 9.49
C GLU D 38 -1.87 6.58 8.77
N MET D 39 -1.73 7.82 8.31
CA MET D 39 -0.50 8.21 7.63
C MET D 39 0.59 8.37 8.67
N PHE D 40 0.20 8.69 9.90
CA PHE D 40 1.15 8.79 10.99
C PHE D 40 1.72 7.38 11.19
N LEU D 41 0.83 6.38 11.22
CA LEU D 41 1.25 4.99 11.39
C LEU D 41 2.17 4.57 10.25
N TYR D 42 1.77 4.92 9.03
CA TYR D 42 2.54 4.57 7.84
C TYR D 42 3.96 5.12 7.94
N GLU D 43 4.10 6.37 8.36
CA GLU D 43 5.41 6.99 8.46
C GLU D 43 6.20 6.66 9.72
N HIS D 44 5.52 6.49 10.85
CA HIS D 44 6.22 6.25 12.10
C HIS D 44 6.06 4.90 12.80
N ALA D 45 5.10 4.09 12.39
CA ALA D 45 4.89 2.77 12.99
C ALA D 45 4.24 1.81 12.00
N PRO D 46 4.82 1.69 10.80
CA PRO D 46 4.25 0.79 9.78
C PRO D 46 4.06 -0.66 10.22
N GLU D 47 4.88 -1.11 11.16
CA GLU D 47 4.78 -2.49 11.63
C GLU D 47 3.42 -2.81 12.27
N ILE D 48 2.66 -1.77 12.61
CA ILE D 48 1.35 -1.97 13.20
C ILE D 48 0.46 -2.76 12.25
N LEU D 49 0.66 -2.57 10.95
CA LEU D 49 -0.13 -3.29 9.96
C LEU D 49 0.04 -4.79 10.17
N ASP D 50 1.28 -5.23 10.44
CA ASP D 50 1.52 -6.64 10.67
C ASP D 50 0.75 -7.11 11.90
N GLU D 51 0.60 -6.24 12.89
CA GLU D 51 -0.12 -6.60 14.11
C GLU D 51 -1.61 -6.71 13.80
N LEU D 52 -2.12 -5.74 13.03
CA LEU D 52 -3.53 -5.73 12.65
C LEU D 52 -3.89 -6.95 11.81
N ARG D 53 -2.96 -7.40 10.98
CA ARG D 53 -3.20 -8.57 10.14
C ARG D 53 -3.17 -9.83 11.00
N ALA D 54 -2.73 -9.66 12.25
CA ALA D 54 -2.66 -10.78 13.18
C ALA D 54 -3.92 -10.76 14.04
N ASP D 55 -3.79 -10.35 15.30
CA ASP D 55 -4.95 -10.31 16.18
C ASP D 55 -5.17 -8.96 16.86
N LEU D 56 -4.31 -7.99 16.53
CA LEU D 56 -4.45 -6.66 17.13
C LEU D 56 -5.58 -5.88 16.47
N LYS D 57 -6.24 -5.06 17.28
CA LYS D 57 -7.31 -4.22 16.78
C LYS D 57 -7.21 -2.86 17.46
N LEU D 58 -7.31 -1.80 16.67
CA LEU D 58 -7.28 -0.45 17.22
C LEU D 58 -8.72 0.01 17.16
N PHE D 59 -9.41 -0.14 18.28
CA PHE D 59 -10.82 0.21 18.38
C PHE D 59 -11.03 1.68 18.74
N THR D 60 -11.78 2.39 17.91
CA THR D 60 -12.07 3.79 18.19
C THR D 60 -13.23 3.84 19.18
N LEU D 61 -12.95 4.41 20.36
CA LEU D 61 -13.93 4.52 21.44
C LEU D 61 -14.71 5.81 21.31
N LYS D 62 -14.08 6.81 20.71
CA LYS D 62 -14.71 8.11 20.53
C LYS D 62 -14.10 8.87 19.36
N ALA D 63 -14.95 9.58 18.63
CA ALA D 63 -14.53 10.39 17.50
C ALA D 63 -15.45 11.60 17.51
N GLU D 64 -14.88 12.79 17.44
CA GLU D 64 -15.67 14.01 17.46
C GLU D 64 -14.95 15.14 16.75
N CYS D 65 -15.72 16.13 16.31
CA CYS D 65 -15.15 17.27 15.64
C CYS D 65 -16.05 18.49 15.81
N GLU D 66 -15.43 19.63 16.07
CA GLU D 66 -16.13 20.91 16.21
C GLU D 66 -15.77 21.68 14.96
N PHE D 67 -16.74 22.36 14.38
CA PHE D 67 -16.52 23.11 13.15
C PHE D 67 -16.66 24.60 13.40
N PHE D 68 -15.66 25.38 12.97
CA PHE D 68 -15.66 26.82 13.19
C PHE D 68 -15.89 27.66 11.94
N ALA D 69 -15.52 27.13 10.78
CA ALA D 69 -15.70 27.86 9.55
C ALA D 69 -16.02 26.91 8.40
N GLU D 70 -16.28 27.49 7.24
CA GLU D 70 -16.60 26.72 6.06
C GLU D 70 -15.37 26.56 5.19
N LEU D 71 -15.30 25.43 4.50
CA LEU D 71 -14.19 25.16 3.60
C LEU D 71 -14.79 25.15 2.21
N ALA D 72 -13.97 25.47 1.21
CA ALA D 72 -14.44 25.50 -0.16
C ALA D 72 -13.66 24.46 -0.95
N PRO D 73 -14.19 24.05 -2.11
CA PRO D 73 -13.48 23.06 -2.92
C PRO D 73 -12.09 23.57 -3.26
N PHE D 74 -11.11 22.68 -3.13
CA PHE D 74 -9.71 22.96 -3.42
C PHE D 74 -8.96 23.86 -2.45
N ASP D 75 -9.49 24.00 -1.25
CA ASP D 75 -8.79 24.75 -0.21
C ASP D 75 -7.66 23.83 0.20
N ARG D 76 -6.55 24.39 0.68
CA ARG D 76 -5.43 23.57 1.12
C ARG D 76 -5.57 23.43 2.63
N LEU D 77 -5.63 22.18 3.09
CA LEU D 77 -5.80 21.93 4.51
C LEU D 77 -4.63 21.20 5.15
N ALA D 78 -4.41 21.51 6.42
CA ALA D 78 -3.37 20.86 7.20
C ALA D 78 -4.08 20.32 8.44
N VAL D 79 -3.96 19.02 8.67
CA VAL D 79 -4.56 18.42 9.85
C VAL D 79 -3.37 18.06 10.72
N ARG D 80 -3.30 18.68 11.90
CA ARG D 80 -2.19 18.46 12.82
C ARG D 80 -2.64 17.65 14.02
N MET D 81 -1.98 16.51 14.20
CA MET D 81 -2.32 15.59 15.26
C MET D 81 -1.30 15.55 16.40
N ARG D 82 -1.81 15.50 17.62
CA ARG D 82 -0.96 15.44 18.82
C ARG D 82 -1.50 14.37 19.76
N LEU D 83 -0.61 13.80 20.57
CA LEU D 83 -1.01 12.80 21.54
C LEU D 83 -1.44 13.60 22.76
N VAL D 84 -2.72 13.53 23.09
CA VAL D 84 -3.24 14.28 24.23
C VAL D 84 -3.09 13.52 25.54
N GLU D 85 -3.33 12.21 25.49
CA GLU D 85 -3.24 11.40 26.69
C GLU D 85 -2.90 9.95 26.35
N LEU D 86 -2.11 9.33 27.22
CA LEU D 86 -1.75 7.94 27.02
C LEU D 86 -1.96 7.22 28.35
N THR D 87 -2.75 6.15 28.34
CA THR D 87 -2.97 5.39 29.55
C THR D 87 -2.35 4.01 29.33
N GLN D 88 -2.69 3.04 30.15
CA GLN D 88 -2.12 1.70 29.99
C GLN D 88 -2.56 1.03 28.69
N THR D 89 -3.81 1.26 28.30
CA THR D 89 -4.37 0.61 27.12
C THR D 89 -5.04 1.54 26.11
N GLN D 90 -5.07 2.84 26.40
CA GLN D 90 -5.75 3.78 25.53
C GLN D 90 -4.93 5.01 25.15
N MET D 91 -5.39 5.70 24.11
CA MET D 91 -4.73 6.91 23.63
C MET D 91 -5.79 7.92 23.24
N GLU D 92 -5.54 9.19 23.56
CA GLU D 92 -6.43 10.28 23.21
C GLU D 92 -5.63 11.10 22.21
N LEU D 93 -6.20 11.33 21.03
CA LEU D 93 -5.52 12.09 19.99
C LEU D 93 -6.27 13.39 19.71
N GLY D 94 -5.52 14.45 19.49
CA GLY D 94 -6.13 15.75 19.21
C GLY D 94 -5.84 16.14 17.77
N PHE D 95 -6.81 16.75 17.11
CA PHE D 95 -6.65 17.16 15.72
C PHE D 95 -7.04 18.61 15.48
N ASP D 96 -6.12 19.41 14.97
CA ASP D 96 -6.42 20.80 14.62
C ASP D 96 -6.47 20.87 13.11
N TYR D 97 -7.49 21.53 12.56
CA TYR D 97 -7.65 21.65 11.11
C TYR D 97 -7.37 23.09 10.71
N LEU D 98 -6.36 23.30 9.87
CA LEU D 98 -6.01 24.63 9.43
C LEU D 98 -6.15 24.79 7.92
N ARG D 99 -6.77 25.89 7.50
CA ARG D 99 -6.88 26.17 6.08
C ARG D 99 -5.62 26.99 5.81
N LEU D 100 -4.80 26.54 4.88
CA LEU D 100 -3.55 27.22 4.57
C LEU D 100 -3.66 28.33 3.53
N GLY D 101 -2.77 29.32 3.63
CA GLY D 101 -2.78 30.44 2.70
C GLY D 101 -2.37 31.72 3.37
N GLY D 102 -2.89 32.86 2.89
CA GLY D 102 -2.58 34.16 3.49
C GLY D 102 -2.20 33.90 4.93
N ASP D 103 -3.20 33.72 5.77
CA ASP D 103 -2.93 33.37 7.16
C ASP D 103 -3.71 32.11 7.38
N ASP D 104 -3.04 31.09 7.90
CA ASP D 104 -3.69 29.85 8.18
C ASP D 104 -4.79 30.15 9.19
N LEU D 105 -5.90 29.46 9.07
CA LEU D 105 -7.04 29.67 9.94
C LEU D 105 -7.50 28.33 10.51
N LEU D 106 -7.78 28.30 11.81
CA LEU D 106 -8.26 27.08 12.47
C LEU D 106 -9.73 26.97 12.10
N VAL D 107 -10.06 26.00 11.25
CA VAL D 107 -11.43 25.82 10.80
C VAL D 107 -12.19 24.72 11.53
N ALA D 108 -11.46 23.89 12.28
CA ALA D 108 -12.09 22.81 13.03
C ALA D 108 -11.11 22.22 14.02
N ARG D 109 -11.64 21.46 14.97
CA ARG D 109 -10.81 20.80 15.98
C ARG D 109 -11.51 19.53 16.41
N GLY D 110 -10.75 18.43 16.47
CA GLY D 110 -11.36 17.17 16.85
C GLY D 110 -10.56 16.33 17.82
N ARG D 111 -11.16 15.22 18.23
CA ARG D 111 -10.53 14.30 19.18
C ARG D 111 -10.98 12.90 18.87
N GLN D 112 -10.13 11.95 19.24
CA GLN D 112 -10.41 10.53 19.10
C GLN D 112 -9.80 9.86 20.31
N ARG D 113 -10.45 8.80 20.78
CA ARG D 113 -9.88 8.03 21.87
C ARG D 113 -9.85 6.64 21.26
N ILE D 114 -8.72 5.98 21.38
CA ILE D 114 -8.54 4.66 20.79
C ILE D 114 -8.07 3.66 21.83
N ALA D 115 -8.64 2.47 21.77
CA ALA D 115 -8.27 1.39 22.70
C ALA D 115 -7.57 0.29 21.89
N CYS D 116 -6.52 -0.27 22.48
CA CYS D 116 -5.79 -1.35 21.83
C CYS D 116 -6.39 -2.65 22.33
N MET D 117 -6.66 -3.58 21.41
CA MET D 117 -7.26 -4.86 21.77
C MET D 117 -6.70 -6.02 20.95
N ARG D 118 -6.87 -7.23 21.48
CA ARG D 118 -6.42 -8.43 20.79
C ARG D 118 -7.44 -9.54 21.00
N GLY D 119 -7.58 -10.40 20.00
CA GLY D 119 -8.53 -11.50 20.11
C GLY D 119 -9.50 -11.56 18.95
N PRO D 120 -10.13 -12.72 18.72
CA PRO D 120 -11.09 -12.88 17.62
C PRO D 120 -12.29 -11.97 17.83
N ASN D 121 -12.91 -11.53 16.75
CA ASN D 121 -14.09 -10.67 16.85
C ASN D 121 -15.10 -11.26 17.82
N GLY D 122 -15.36 -10.54 18.89
CA GLY D 122 -16.31 -11.02 19.89
C GLY D 122 -15.59 -11.55 21.12
N ARG D 123 -14.34 -11.97 20.92
CA ARG D 123 -13.54 -12.51 22.01
C ARG D 123 -12.27 -11.67 22.22
N THR D 124 -12.41 -10.35 22.11
CA THR D 124 -11.28 -9.46 22.28
C THR D 124 -11.17 -8.93 23.70
N GLU D 125 -9.97 -8.57 24.09
CA GLU D 125 -9.72 -8.01 25.41
C GLU D 125 -8.72 -6.87 25.24
N PRO D 126 -8.81 -5.85 26.09
CA PRO D 126 -7.89 -4.71 26.01
C PRO D 126 -6.45 -5.15 26.27
N VAL D 127 -5.50 -4.57 25.56
CA VAL D 127 -4.10 -4.89 25.79
C VAL D 127 -3.34 -3.60 26.01
N ARG D 128 -2.17 -3.69 26.61
CA ARG D 128 -1.37 -2.50 26.87
C ARG D 128 -0.93 -1.93 25.53
N VAL D 129 -0.86 -0.61 25.44
CA VAL D 129 -0.49 0.03 24.19
C VAL D 129 0.80 -0.55 23.64
N PRO D 130 0.75 -1.10 22.41
CA PRO D 130 1.92 -1.71 21.75
C PRO D 130 3.18 -0.84 21.86
N ALA D 131 4.28 -1.47 22.24
CA ALA D 131 5.56 -0.77 22.43
C ALA D 131 5.94 0.12 21.25
N GLY D 132 5.74 -0.38 20.04
CA GLY D 132 6.08 0.39 18.84
C GLY D 132 5.30 1.69 18.73
N LEU D 133 4.02 1.66 19.10
CA LEU D 133 3.20 2.87 19.05
C LEU D 133 3.70 3.87 20.07
N VAL D 134 3.99 3.39 21.28
CA VAL D 134 4.48 4.26 22.32
C VAL D 134 5.74 4.95 21.84
N ARG D 135 6.66 4.20 21.24
CA ARG D 135 7.89 4.78 20.73
C ARG D 135 7.61 5.78 19.61
N ALA D 136 6.66 5.47 18.74
CA ALA D 136 6.34 6.36 17.63
C ALA D 136 5.81 7.73 18.09
N PHE D 137 5.09 7.76 19.20
CA PHE D 137 4.53 9.01 19.70
C PHE D 137 5.52 9.88 20.47
N ALA D 138 6.69 9.33 20.77
CA ALA D 138 7.71 10.07 21.53
C ALA D 138 7.87 11.53 21.14
N PRO D 139 8.12 11.82 19.85
CA PRO D 139 8.29 13.21 19.41
C PRO D 139 7.00 14.02 19.22
N PHE D 140 5.86 13.39 19.47
CA PHE D 140 4.58 14.08 19.31
C PHE D 140 3.82 14.15 20.62
N ARG D 141 4.55 14.05 21.73
CA ARG D 141 3.98 14.11 23.07
C ARG D 141 3.38 15.47 23.38
N SER D 142 2.45 15.88 22.67
N PRO E 4 -40.98 -11.28 -11.26
CA PRO E 4 -39.88 -10.58 -11.96
C PRO E 4 -38.63 -11.43 -11.95
N ARG E 5 -37.90 -11.43 -13.06
CA ARG E 5 -36.67 -12.21 -13.14
C ARG E 5 -35.41 -11.38 -12.90
N TYR E 6 -35.55 -10.37 -12.04
CA TYR E 6 -34.44 -9.53 -11.65
C TYR E 6 -34.56 -9.26 -10.17
N TYR E 7 -33.42 -9.11 -9.51
CA TYR E 7 -33.43 -8.81 -8.08
C TYR E 7 -33.47 -7.30 -8.01
N GLU E 8 -34.29 -6.77 -7.10
CA GLU E 8 -34.39 -5.33 -6.99
C GLU E 8 -33.93 -4.77 -5.66
N TYR E 9 -33.03 -3.80 -5.75
CA TYR E 9 -32.49 -3.11 -4.59
C TYR E 9 -33.00 -1.68 -4.70
N ARG E 10 -33.72 -1.24 -3.67
CA ARG E 10 -34.26 0.12 -3.67
C ARG E 10 -33.47 1.00 -2.71
N HIS E 11 -33.25 2.25 -3.11
CA HIS E 11 -32.48 3.18 -2.32
C HIS E 11 -32.96 4.62 -2.48
N VAL E 12 -33.17 5.31 -1.38
CA VAL E 12 -33.58 6.71 -1.43
C VAL E 12 -32.30 7.52 -1.39
N VAL E 13 -32.06 8.31 -2.43
CA VAL E 13 -30.86 9.11 -2.53
C VAL E 13 -30.77 10.15 -1.41
N GLY E 14 -29.61 10.20 -0.75
CA GLY E 14 -29.40 11.15 0.33
C GLY E 14 -28.49 12.28 -0.10
N PHE E 15 -28.00 13.05 0.87
CA PHE E 15 -27.13 14.19 0.59
C PHE E 15 -25.67 13.83 0.41
N GLU E 16 -25.21 12.79 1.10
CA GLU E 16 -23.82 12.39 0.98
C GLU E 16 -23.45 11.97 -0.44
N GLU E 17 -24.38 11.37 -1.17
CA GLU E 17 -24.13 10.93 -2.53
C GLU E 17 -24.08 12.10 -3.51
N THR E 18 -24.54 13.26 -3.04
CA THR E 18 -24.56 14.44 -3.87
C THR E 18 -23.43 15.40 -3.55
N ASN E 19 -23.06 16.21 -4.53
CA ASN E 19 -21.99 17.20 -4.40
C ASN E 19 -22.55 18.59 -4.69
N LEU E 20 -21.67 19.49 -5.12
CA LEU E 20 -22.08 20.87 -5.41
C LEU E 20 -22.92 21.00 -6.69
N VAL E 21 -22.83 20.03 -7.60
CA VAL E 21 -23.61 20.08 -8.85
C VAL E 21 -25.09 19.91 -8.54
N GLY E 22 -25.39 19.24 -7.44
CA GLY E 22 -26.78 19.03 -7.05
C GLY E 22 -27.27 17.63 -7.36
N ASN E 23 -26.55 16.91 -8.20
CA ASN E 23 -26.95 15.54 -8.55
C ASN E 23 -25.99 14.52 -7.93
N VAL E 24 -26.30 13.24 -8.13
CA VAL E 24 -25.47 12.16 -7.60
C VAL E 24 -24.13 12.04 -8.33
N TYR E 25 -23.06 12.01 -7.54
CA TYR E 25 -21.70 11.88 -8.07
C TYR E 25 -21.59 10.47 -8.66
N TYR E 26 -21.03 10.34 -9.86
CA TYR E 26 -20.94 9.06 -10.57
C TYR E 26 -20.43 7.84 -9.80
N VAL E 27 -19.47 8.04 -8.90
CA VAL E 27 -18.94 6.92 -8.14
C VAL E 27 -20.02 6.16 -7.39
N ASN E 28 -21.03 6.87 -6.90
CA ASN E 28 -22.10 6.23 -6.16
C ASN E 28 -22.84 5.14 -6.96
N TYR E 29 -22.92 5.29 -8.28
CA TYR E 29 -23.59 4.29 -9.08
C TYR E 29 -22.84 2.98 -9.03
N LEU E 30 -21.50 3.05 -9.06
CA LEU E 30 -20.69 1.85 -8.99
C LEU E 30 -20.80 1.25 -7.59
N ARG E 31 -20.95 2.11 -6.59
CA ARG E 31 -21.09 1.67 -5.22
C ARG E 31 -22.39 0.87 -5.08
N TRP E 32 -23.48 1.38 -5.65
CA TRP E 32 -24.77 0.70 -5.56
C TRP E 32 -24.77 -0.69 -6.17
N GLN E 33 -23.80 -0.98 -7.03
CA GLN E 33 -23.72 -2.32 -7.63
C GLN E 33 -23.32 -3.32 -6.54
N GLY E 34 -22.38 -2.91 -5.70
CA GLY E 34 -21.92 -3.78 -4.62
C GLY E 34 -23.01 -3.90 -3.58
N ARG E 35 -23.68 -2.80 -3.32
CA ARG E 35 -24.76 -2.78 -2.34
C ARG E 35 -25.89 -3.70 -2.79
N CYS E 36 -26.23 -3.60 -4.07
CA CYS E 36 -27.28 -4.42 -4.63
C CYS E 36 -26.92 -5.91 -4.57
N ARG E 37 -25.70 -6.23 -4.99
CA ARG E 37 -25.28 -7.64 -5.00
C ARG E 37 -25.18 -8.22 -3.59
N GLU E 38 -24.76 -7.42 -2.61
CA GLU E 38 -24.65 -7.94 -1.25
C GLU E 38 -26.00 -8.09 -0.57
N MET E 39 -26.97 -7.24 -0.93
CA MET E 39 -28.29 -7.37 -0.32
C MET E 39 -28.94 -8.60 -0.95
N PHE E 40 -28.60 -8.87 -2.21
CA PHE E 40 -29.14 -10.05 -2.89
C PHE E 40 -28.68 -11.25 -2.06
N LEU E 41 -27.40 -11.29 -1.75
CA LEU E 41 -26.83 -12.37 -0.96
C LEU E 41 -27.51 -12.46 0.41
N TYR E 42 -27.80 -11.32 1.00
CA TYR E 42 -28.43 -11.25 2.31
C TYR E 42 -29.84 -11.85 2.31
N GLU E 43 -30.56 -11.69 1.20
CA GLU E 43 -31.93 -12.20 1.12
C GLU E 43 -32.06 -13.58 0.48
N HIS E 44 -31.13 -13.93 -0.39
CA HIS E 44 -31.21 -15.19 -1.11
C HIS E 44 -30.10 -16.19 -0.86
N ALA E 45 -28.96 -15.73 -0.37
CA ALA E 45 -27.83 -16.62 -0.14
C ALA E 45 -27.13 -16.34 1.19
N PRO E 46 -27.87 -16.37 2.30
CA PRO E 46 -27.26 -16.12 3.61
C PRO E 46 -26.10 -17.03 3.92
N GLU E 47 -26.16 -18.27 3.45
CA GLU E 47 -25.10 -19.23 3.69
C GLU E 47 -23.81 -18.76 3.01
N ILE E 48 -23.93 -18.24 1.80
CA ILE E 48 -22.78 -17.75 1.06
C ILE E 48 -22.15 -16.59 1.80
N LEU E 49 -22.96 -15.89 2.59
CA LEU E 49 -22.49 -14.76 3.37
C LEU E 49 -21.51 -15.26 4.41
N ASP E 50 -21.83 -16.40 5.01
CA ASP E 50 -20.98 -17.01 6.03
C ASP E 50 -19.65 -17.46 5.47
N GLU E 51 -19.64 -17.82 4.18
CA GLU E 51 -18.40 -18.25 3.53
C GLU E 51 -17.51 -17.04 3.26
N LEU E 52 -18.13 -15.98 2.76
CA LEU E 52 -17.41 -14.75 2.44
C LEU E 52 -16.85 -14.12 3.69
N ARG E 53 -17.25 -14.66 4.84
CA ARG E 53 -16.77 -14.14 6.11
C ARG E 53 -15.65 -15.05 6.63
N ALA E 54 -15.45 -16.18 5.96
CA ALA E 54 -14.44 -17.14 6.34
C ALA E 54 -13.26 -17.20 5.37
N ASP E 55 -13.40 -17.99 4.31
CA ASP E 55 -12.33 -18.13 3.33
C ASP E 55 -12.70 -17.81 1.89
N LEU E 56 -13.99 -17.68 1.60
CA LEU E 56 -14.42 -17.36 0.24
C LEU E 56 -14.20 -15.89 -0.08
N LYS E 57 -13.85 -15.60 -1.32
CA LYS E 57 -13.60 -14.23 -1.75
C LYS E 57 -14.24 -13.94 -3.10
N LEU E 58 -14.96 -12.83 -3.19
CA LEU E 58 -15.58 -12.41 -4.45
C LEU E 58 -14.68 -11.33 -5.02
N PHE E 59 -13.78 -11.72 -5.92
CA PHE E 59 -12.86 -10.77 -6.54
C PHE E 59 -13.53 -10.10 -7.73
N THR E 60 -13.68 -8.79 -7.69
CA THR E 60 -14.29 -8.11 -8.82
C THR E 60 -13.27 -7.90 -9.94
N LEU E 61 -13.52 -8.54 -11.07
CA LEU E 61 -12.65 -8.47 -12.24
C LEU E 61 -12.93 -7.24 -13.08
N LYS E 62 -14.16 -6.77 -13.04
CA LYS E 62 -14.52 -5.60 -13.83
C LYS E 62 -15.82 -4.99 -13.32
N ALA E 63 -15.87 -3.66 -13.35
CA ALA E 63 -17.05 -2.93 -12.93
C ALA E 63 -17.17 -1.78 -13.92
N GLU E 64 -18.37 -1.57 -14.44
CA GLU E 64 -18.58 -0.50 -15.40
C GLU E 64 -20.00 0.02 -15.30
N CYS E 65 -20.19 1.25 -15.75
CA CYS E 65 -21.51 1.85 -15.73
C CYS E 65 -21.60 2.91 -16.81
N GLU E 66 -22.75 2.99 -17.47
CA GLU E 66 -23.02 3.97 -18.52
C GLU E 66 -24.09 4.85 -17.90
N PHE E 67 -23.97 6.16 -18.08
CA PHE E 67 -24.92 7.11 -17.51
C PHE E 67 -25.74 7.82 -18.58
N PHE E 68 -27.06 7.83 -18.39
CA PHE E 68 -27.98 8.45 -19.34
C PHE E 68 -28.70 9.68 -18.80
N ALA E 69 -28.89 9.73 -17.49
CA ALA E 69 -29.57 10.87 -16.88
C ALA E 69 -29.02 11.14 -15.50
N GLU E 70 -29.68 12.03 -14.76
CA GLU E 70 -29.23 12.39 -13.42
C GLU E 70 -30.17 11.92 -12.32
N LEU E 71 -29.63 11.88 -11.10
CA LEU E 71 -30.40 11.50 -9.91
C LEU E 71 -30.14 12.63 -8.93
N ALA E 72 -31.17 13.06 -8.23
CA ALA E 72 -31.04 14.14 -7.26
C ALA E 72 -31.39 13.66 -5.87
N PRO E 73 -31.11 14.48 -4.84
CA PRO E 73 -31.43 14.08 -3.48
C PRO E 73 -32.92 13.74 -3.35
N PHE E 74 -33.20 12.69 -2.59
CA PHE E 74 -34.56 12.22 -2.33
C PHE E 74 -35.19 11.43 -3.46
N ASP E 75 -34.48 11.24 -4.57
CA ASP E 75 -35.03 10.44 -5.65
C ASP E 75 -35.06 9.00 -5.15
N ARG E 76 -36.05 8.24 -5.61
CA ARG E 76 -36.14 6.85 -5.21
C ARG E 76 -35.51 6.08 -6.36
N LEU E 77 -34.49 5.31 -6.04
CA LEU E 77 -33.79 4.55 -7.06
C LEU E 77 -34.10 3.06 -6.95
N ALA E 78 -34.12 2.39 -8.10
CA ALA E 78 -34.34 0.96 -8.15
C ALA E 78 -33.19 0.41 -8.99
N VAL E 79 -32.38 -0.46 -8.40
CA VAL E 79 -31.28 -1.08 -9.12
C VAL E 79 -31.73 -2.53 -9.33
N ARG E 80 -31.92 -2.89 -10.60
CA ARG E 80 -32.38 -4.24 -10.94
C ARG E 80 -31.22 -5.04 -11.50
N MET E 81 -30.92 -6.13 -10.80
CA MET E 81 -29.82 -7.00 -11.15
C MET E 81 -30.23 -8.37 -11.67
N ARG E 82 -29.53 -8.81 -12.71
CA ARG E 82 -29.78 -10.11 -13.34
C ARG E 82 -28.43 -10.82 -13.51
N LEU E 83 -28.44 -12.14 -13.50
CA LEU E 83 -27.22 -12.90 -13.73
C LEU E 83 -27.17 -12.98 -15.25
N VAL E 84 -26.16 -12.36 -15.86
CA VAL E 84 -26.08 -12.36 -17.32
C VAL E 84 -25.12 -13.38 -17.89
N GLU E 85 -24.30 -13.98 -17.02
CA GLU E 85 -23.36 -14.99 -17.45
C GLU E 85 -22.80 -15.73 -16.24
N LEU E 86 -22.57 -17.04 -16.41
CA LEU E 86 -22.04 -17.86 -15.34
C LEU E 86 -21.12 -18.93 -15.90
N THR E 87 -19.91 -19.00 -15.36
CA THR E 87 -18.94 -20.00 -15.77
C THR E 87 -18.66 -20.86 -14.54
N GLN E 88 -17.65 -21.71 -14.63
CA GLN E 88 -17.30 -22.59 -13.53
C GLN E 88 -16.82 -21.82 -12.31
N THR E 89 -16.11 -20.72 -12.54
CA THR E 89 -15.56 -19.93 -11.44
C THR E 89 -15.92 -18.45 -11.47
N GLN E 90 -16.52 -17.98 -12.56
CA GLN E 90 -16.89 -16.58 -12.67
C GLN E 90 -18.36 -16.33 -12.95
N MET E 91 -18.79 -15.10 -12.68
CA MET E 91 -20.16 -14.70 -12.91
C MET E 91 -20.18 -13.26 -13.40
N GLU E 92 -21.20 -12.92 -14.18
CA GLU E 92 -21.32 -11.56 -14.69
C GLU E 92 -22.71 -11.07 -14.31
N LEU E 93 -22.76 -9.89 -13.68
CA LEU E 93 -24.03 -9.32 -13.25
C LEU E 93 -24.36 -8.07 -14.06
N GLY E 94 -25.62 -7.95 -14.44
CA GLY E 94 -26.07 -6.80 -15.20
C GLY E 94 -26.92 -5.95 -14.27
N PHE E 95 -26.83 -4.63 -14.41
CA PHE E 95 -27.58 -3.72 -13.57
C PHE E 95 -28.32 -2.63 -14.36
N ASP E 96 -29.60 -2.46 -14.07
CA ASP E 96 -30.40 -1.42 -14.70
C ASP E 96 -30.77 -0.45 -13.57
N TYR E 97 -30.55 0.84 -13.80
CA TYR E 97 -30.84 1.86 -12.78
C TYR E 97 -32.06 2.66 -13.23
N LEU E 98 -33.11 2.64 -12.42
CA LEU E 98 -34.33 3.37 -12.75
C LEU E 98 -34.75 4.30 -11.64
N ARG E 99 -35.25 5.47 -12.02
CA ARG E 99 -35.73 6.43 -11.05
C ARG E 99 -37.21 6.09 -10.89
N LEU E 100 -37.56 5.52 -9.75
CA LEU E 100 -38.94 5.14 -9.49
C LEU E 100 -39.85 6.36 -9.42
N GLY E 101 -41.12 6.17 -9.75
CA GLY E 101 -42.05 7.27 -9.72
C GLY E 101 -42.39 7.67 -11.14
N GLY E 102 -43.69 7.75 -11.45
CA GLY E 102 -44.10 8.10 -12.80
C GLY E 102 -43.51 7.11 -13.77
N ASP E 103 -43.22 7.55 -14.98
CA ASP E 103 -42.63 6.65 -15.95
C ASP E 103 -41.25 6.37 -15.37
N ASP E 104 -40.92 5.09 -15.24
CA ASP E 104 -39.62 4.74 -14.66
C ASP E 104 -38.52 4.98 -15.68
N LEU E 105 -37.77 6.06 -15.46
CA LEU E 105 -36.69 6.45 -16.34
C LEU E 105 -35.40 5.65 -16.12
N LEU E 106 -34.80 5.17 -17.21
CA LEU E 106 -33.54 4.44 -17.13
C LEU E 106 -32.45 5.51 -17.05
N VAL E 107 -31.85 5.67 -15.88
CA VAL E 107 -30.81 6.68 -15.73
C VAL E 107 -29.41 6.13 -15.96
N ALA E 108 -29.25 4.82 -15.82
CA ALA E 108 -27.94 4.21 -16.01
C ALA E 108 -28.04 2.72 -16.23
N ARG E 109 -26.93 2.12 -16.63
CA ARG E 109 -26.85 0.69 -16.85
C ARG E 109 -25.40 0.29 -16.68
N GLY E 110 -25.16 -0.81 -15.98
CA GLY E 110 -23.81 -1.25 -15.77
C GLY E 110 -23.73 -2.75 -15.59
N ARG E 111 -22.52 -3.24 -15.33
CA ARG E 111 -22.33 -4.65 -15.11
C ARG E 111 -21.01 -4.89 -14.40
N GLN E 112 -20.89 -6.07 -13.84
CA GLN E 112 -19.69 -6.46 -13.12
C GLN E 112 -19.35 -7.89 -13.49
N ARG E 113 -18.06 -8.19 -13.42
CA ARG E 113 -17.56 -9.51 -13.70
C ARG E 113 -16.90 -9.90 -12.38
N ILE E 114 -17.28 -11.04 -11.80
CA ILE E 114 -16.73 -11.47 -10.52
C ILE E 114 -16.14 -12.87 -10.57
N ALA E 115 -15.02 -13.06 -9.87
CA ALA E 115 -14.36 -14.36 -9.82
C ALA E 115 -14.41 -14.89 -8.40
N CYS E 116 -14.73 -16.16 -8.25
CA CYS E 116 -14.77 -16.78 -6.92
C CYS E 116 -13.40 -17.29 -6.57
N MET E 117 -12.92 -16.91 -5.39
CA MET E 117 -11.61 -17.34 -4.94
C MET E 117 -11.69 -17.78 -3.49
N ARG E 118 -10.89 -18.77 -3.13
CA ARG E 118 -10.91 -19.31 -1.77
C ARG E 118 -9.51 -19.34 -1.14
N GLY E 119 -9.44 -19.01 0.14
CA GLY E 119 -8.17 -19.01 0.84
C GLY E 119 -8.02 -17.87 1.84
N PRO E 120 -7.02 -17.94 2.73
CA PRO E 120 -6.77 -16.91 3.74
C PRO E 120 -6.47 -15.54 3.15
N ASN E 121 -6.55 -14.52 4.00
CA ASN E 121 -6.29 -13.14 3.59
C ASN E 121 -4.88 -13.00 3.05
N GLY E 122 -4.75 -12.97 1.72
CA GLY E 122 -3.45 -12.82 1.11
C GLY E 122 -3.28 -13.66 -0.14
N ARG E 123 -3.21 -14.97 0.04
CA ARG E 123 -3.06 -15.87 -1.10
C ARG E 123 -4.27 -16.76 -1.27
N THR E 124 -4.83 -16.74 -2.49
CA THR E 124 -6.01 -17.54 -2.81
C THR E 124 -5.92 -18.05 -4.23
N GLU E 125 -6.78 -19.01 -4.57
CA GLU E 125 -6.81 -19.59 -5.90
C GLU E 125 -8.26 -19.63 -6.38
N PRO E 126 -8.47 -19.65 -7.70
CA PRO E 126 -9.83 -19.68 -8.23
C PRO E 126 -10.54 -20.96 -7.79
N VAL E 127 -11.84 -20.84 -7.54
CA VAL E 127 -12.64 -21.99 -7.12
C VAL E 127 -13.99 -21.94 -7.81
N ARG E 128 -14.66 -23.09 -7.86
CA ARG E 128 -15.97 -23.18 -8.48
C ARG E 128 -16.95 -22.27 -7.75
N VAL E 129 -17.86 -21.67 -8.51
CA VAL E 129 -18.87 -20.81 -7.90
C VAL E 129 -19.68 -21.70 -6.97
N PRO E 130 -19.80 -21.31 -5.69
CA PRO E 130 -20.56 -22.09 -4.70
C PRO E 130 -21.92 -22.55 -5.21
N ALA E 131 -22.20 -23.84 -5.07
CA ALA E 131 -23.47 -24.41 -5.52
C ALA E 131 -24.66 -23.62 -4.99
N GLY E 132 -24.61 -23.27 -3.71
CA GLY E 132 -25.70 -22.52 -3.10
C GLY E 132 -25.95 -21.19 -3.77
N LEU E 133 -24.88 -20.54 -4.21
CA LEU E 133 -24.99 -19.24 -4.87
C LEU E 133 -25.60 -19.42 -6.26
N VAL E 134 -25.21 -20.49 -6.94
CA VAL E 134 -25.75 -20.77 -8.27
C VAL E 134 -27.26 -20.91 -8.19
N ARG E 135 -27.74 -21.60 -7.16
CA ARG E 135 -29.18 -21.80 -6.99
C ARG E 135 -29.89 -20.50 -6.62
N ALA E 136 -29.25 -19.68 -5.79
CA ALA E 136 -29.86 -18.41 -5.38
C ALA E 136 -30.13 -17.52 -6.60
N PHE E 137 -29.31 -17.66 -7.63
CA PHE E 137 -29.45 -16.86 -8.85
C PHE E 137 -30.48 -17.45 -9.82
N ALA E 138 -30.83 -18.72 -9.63
CA ALA E 138 -31.78 -19.39 -10.51
C ALA E 138 -32.94 -18.53 -11.03
N PRO E 139 -33.67 -17.85 -10.12
CA PRO E 139 -34.80 -17.02 -10.56
C PRO E 139 -34.42 -15.76 -11.34
N PHE E 140 -33.13 -15.44 -11.38
CA PHE E 140 -32.70 -14.22 -12.07
C PHE E 140 -31.70 -14.45 -13.19
N ARG E 141 -31.72 -15.64 -13.78
CA ARG E 141 -30.81 -15.97 -14.88
C ARG E 141 -31.33 -15.35 -16.17
N SER E 142 -30.54 -14.46 -16.77
CA SER E 142 -30.95 -13.82 -18.01
C SER E 142 -30.79 -14.82 -19.16
N ALA E 143 -31.30 -14.46 -20.33
CA ALA E 143 -31.22 -15.34 -21.49
C ALA E 143 -29.80 -15.54 -22.01
N THR E 144 -28.86 -14.71 -21.58
CA THR E 144 -27.49 -14.80 -22.03
C THR E 144 -26.59 -15.71 -21.21
N VAL E 145 -27.14 -16.27 -20.14
CA VAL E 145 -26.38 -17.17 -19.30
C VAL E 145 -26.13 -18.46 -20.08
N GLY E 146 -24.96 -19.06 -19.83
CA GLY E 146 -24.63 -20.29 -20.51
C GLY E 146 -24.10 -19.99 -21.89
N GLN E 147 -23.96 -18.70 -22.18
CA GLN E 147 -23.46 -18.26 -23.47
C GLN E 147 -22.03 -17.77 -23.32
N MET F 3 8.50 15.98 -21.66
CA MET F 3 7.35 15.66 -20.77
C MET F 3 6.75 14.31 -21.06
N PRO F 4 6.06 13.73 -20.07
CA PRO F 4 5.41 12.43 -20.24
C PRO F 4 4.05 12.70 -20.89
N ARG F 5 3.46 11.66 -21.47
CA ARG F 5 2.17 11.80 -22.10
C ARG F 5 1.06 11.40 -21.13
N TYR F 6 1.36 11.48 -19.83
CA TYR F 6 0.38 11.12 -18.82
C TYR F 6 0.53 11.99 -17.57
N TYR F 7 -0.54 12.07 -16.79
CA TYR F 7 -0.52 12.83 -15.55
C TYR F 7 -0.53 11.78 -14.45
N GLU F 8 0.34 11.93 -13.46
CA GLU F 8 0.40 10.93 -12.40
C GLU F 8 -0.12 11.41 -11.05
N TYR F 9 -1.06 10.65 -10.51
CA TYR F 9 -1.64 10.92 -9.20
C TYR F 9 -1.10 9.85 -8.26
N ARG F 10 -0.43 10.26 -7.19
CA ARG F 10 0.13 9.31 -6.23
C ARG F 10 -0.69 9.28 -4.94
N HIS F 11 -0.86 8.08 -4.39
CA HIS F 11 -1.67 7.89 -3.20
C HIS F 11 -1.24 6.71 -2.36
N VAL F 12 -1.11 6.93 -1.06
CA VAL F 12 -0.76 5.86 -0.15
C VAL F 12 -2.08 5.31 0.36
N VAL F 13 -2.30 4.02 0.15
CA VAL F 13 -3.53 3.37 0.56
C VAL F 13 -3.71 3.35 2.07
N GLY F 14 -4.88 3.81 2.54
CA GLY F 14 -5.17 3.85 3.96
C GLY F 14 -6.11 2.72 4.35
N PHE F 15 -6.64 2.77 5.57
CA PHE F 15 -7.53 1.70 6.02
C PHE F 15 -9.00 1.88 5.66
N GLU F 16 -9.43 3.11 5.41
CA GLU F 16 -10.82 3.30 5.05
C GLU F 16 -11.11 2.62 3.70
N GLU F 17 -10.10 2.54 2.83
CA GLU F 17 -10.29 1.91 1.52
C GLU F 17 -10.28 0.40 1.57
N THR F 18 -9.89 -0.18 2.71
CA THR F 18 -9.84 -1.63 2.82
C THR F 18 -11.04 -2.18 3.59
N ASN F 19 -11.43 -3.41 3.26
CA ASN F 19 -12.55 -4.06 3.93
C ASN F 19 -12.07 -5.34 4.63
N LEU F 20 -13.02 -6.13 5.11
CA LEU F 20 -12.68 -7.35 5.84
C LEU F 20 -11.77 -8.34 5.11
N VAL F 21 -11.79 -8.33 3.78
CA VAL F 21 -10.96 -9.26 3.01
C VAL F 21 -9.48 -8.90 3.07
N GLY F 22 -9.18 -7.65 3.40
CA GLY F 22 -7.80 -7.23 3.50
C GLY F 22 -7.25 -6.35 2.40
N ASN F 23 -7.93 -6.32 1.25
CA ASN F 23 -7.49 -5.51 0.14
C ASN F 23 -8.40 -4.29 -0.05
N VAL F 24 -8.08 -3.48 -1.04
CA VAL F 24 -8.87 -2.29 -1.35
C VAL F 24 -10.19 -2.65 -2.01
N TYR F 25 -11.29 -2.11 -1.49
CA TYR F 25 -12.60 -2.36 -2.05
C TYR F 25 -12.63 -1.77 -3.47
N TYR F 26 -13.18 -2.53 -4.42
CA TYR F 26 -13.20 -2.10 -5.83
C TYR F 26 -13.70 -0.69 -6.12
N VAL F 27 -14.70 -0.23 -5.38
CA VAL F 27 -15.24 1.11 -5.60
C VAL F 27 -14.18 2.22 -5.53
N ASN F 28 -13.20 2.05 -4.65
CA ASN F 28 -12.15 3.06 -4.50
C ASN F 28 -11.39 3.36 -5.79
N TYR F 29 -11.25 2.36 -6.65
CA TYR F 29 -10.54 2.55 -7.90
C TYR F 29 -11.30 3.53 -8.78
N LEU F 30 -12.63 3.47 -8.74
CA LEU F 30 -13.42 4.40 -9.54
C LEU F 30 -13.35 5.80 -8.93
N ARG F 31 -13.27 5.86 -7.61
CA ARG F 31 -13.17 7.14 -6.92
C ARG F 31 -11.84 7.81 -7.27
N TRP F 32 -10.78 7.02 -7.38
CA TRP F 32 -9.48 7.54 -7.72
C TRP F 32 -9.41 8.16 -9.12
N GLN F 33 -10.27 7.72 -10.03
CA GLN F 33 -10.27 8.29 -11.37
C GLN F 33 -10.69 9.75 -11.23
N GLY F 34 -11.71 9.98 -10.41
CA GLY F 34 -12.21 11.32 -10.20
C GLY F 34 -11.19 12.18 -9.47
N ARG F 35 -10.54 11.60 -8.47
CA ARG F 35 -9.55 12.33 -7.71
C ARG F 35 -8.39 12.70 -8.63
N CYS F 36 -7.98 11.75 -9.45
CA CYS F 36 -6.88 11.99 -10.38
C CYS F 36 -7.24 13.09 -11.38
N ARG F 37 -8.42 12.99 -11.99
CA ARG F 37 -8.81 13.99 -12.98
C ARG F 37 -8.93 15.40 -12.40
N GLU F 38 -9.41 15.55 -11.17
CA GLU F 38 -9.52 16.90 -10.61
C GLU F 38 -8.18 17.46 -10.14
N MET F 39 -7.27 16.60 -9.70
CA MET F 39 -5.95 17.08 -9.28
C MET F 39 -5.17 17.51 -10.53
N PHE F 40 -5.47 16.89 -11.66
CA PHE F 40 -4.82 17.27 -12.91
C PHE F 40 -5.26 18.70 -13.22
N LEU F 41 -6.56 18.96 -13.10
CA LEU F 41 -7.10 20.29 -13.36
C LEU F 41 -6.51 21.30 -12.36
N TYR F 42 -6.39 20.87 -11.12
CA TYR F 42 -5.85 21.70 -10.06
C TYR F 42 -4.43 22.14 -10.35
N GLU F 43 -3.61 21.22 -10.86
CA GLU F 43 -2.22 21.55 -11.17
C GLU F 43 -1.97 22.11 -12.57
N HIS F 44 -2.82 21.77 -13.54
CA HIS F 44 -2.60 22.23 -14.91
C HIS F 44 -3.68 23.06 -15.59
N ALA F 45 -4.84 23.18 -14.97
CA ALA F 45 -5.92 23.96 -15.57
C ALA F 45 -6.88 24.44 -14.50
N PRO F 46 -6.36 25.10 -13.45
CA PRO F 46 -7.17 25.62 -12.36
C PRO F 46 -8.36 26.49 -12.78
N GLU F 47 -8.20 27.22 -13.89
CA GLU F 47 -9.28 28.08 -14.38
C GLU F 47 -10.51 27.23 -14.63
N ILE F 48 -10.29 26.01 -15.12
CA ILE F 48 -11.39 25.10 -15.40
C ILE F 48 -12.13 24.76 -14.12
N LEU F 49 -11.41 24.61 -13.02
CA LEU F 49 -12.04 24.31 -11.74
C LEU F 49 -12.99 25.45 -11.41
N ASP F 50 -12.59 26.67 -11.72
CA ASP F 50 -13.42 27.84 -11.46
C ASP F 50 -14.70 27.77 -12.29
N GLU F 51 -14.58 27.31 -13.53
CA GLU F 51 -15.76 27.18 -14.39
C GLU F 51 -16.67 26.08 -13.86
N LEU F 52 -16.07 25.00 -13.38
CA LEU F 52 -16.82 23.87 -12.83
C LEU F 52 -17.60 24.27 -11.58
N ARG F 53 -17.17 25.35 -10.94
CA ARG F 53 -17.84 25.83 -9.75
C ARG F 53 -18.90 26.86 -10.15
N ALA F 54 -19.02 27.09 -11.45
CA ALA F 54 -20.00 28.03 -11.98
C ALA F 54 -21.06 27.34 -12.83
N ASP F 55 -20.99 27.52 -14.15
CA ASP F 55 -21.96 26.93 -15.06
C ASP F 55 -21.49 25.70 -15.84
N LEU F 56 -20.18 25.45 -15.86
CA LEU F 56 -19.64 24.30 -16.59
C LEU F 56 -19.85 23.00 -15.82
N LYS F 57 -20.28 21.97 -16.54
CA LYS F 57 -20.51 20.65 -15.96
C LYS F 57 -19.78 19.58 -16.74
N LEU F 58 -19.17 18.64 -16.02
CA LEU F 58 -18.49 17.53 -16.65
C LEU F 58 -19.39 16.34 -16.40
N PHE F 59 -20.12 15.90 -17.42
CA PHE F 59 -21.02 14.78 -17.26
C PHE F 59 -20.30 13.50 -17.65
N THR F 60 -20.18 12.57 -16.70
CA THR F 60 -19.50 11.32 -16.98
C THR F 60 -20.47 10.39 -17.70
N LEU F 61 -20.16 10.10 -18.96
CA LEU F 61 -21.01 9.24 -19.79
C LEU F 61 -20.76 7.77 -19.51
N LYS F 62 -19.54 7.45 -19.09
CA LYS F 62 -19.19 6.08 -18.79
C LYS F 62 -17.93 6.02 -17.94
N ALA F 63 -17.94 5.12 -16.96
CA ALA F 63 -16.80 4.91 -16.08
C ALA F 63 -16.64 3.40 -15.93
N GLU F 64 -15.42 2.92 -16.04
CA GLU F 64 -15.18 1.49 -15.93
C GLU F 64 -13.78 1.23 -15.43
N CYS F 65 -13.58 0.05 -14.86
CA CYS F 65 -12.27 -0.35 -14.37
C CYS F 65 -12.17 -1.86 -14.40
N GLU F 66 -11.02 -2.36 -14.84
CA GLU F 66 -10.76 -3.79 -14.88
C GLU F 66 -9.65 -4.03 -13.86
N PHE F 67 -9.78 -5.11 -13.08
CA PHE F 67 -8.82 -5.39 -12.03
C PHE F 67 -8.00 -6.62 -12.32
N PHE F 68 -6.69 -6.50 -12.12
CA PHE F 68 -5.77 -7.59 -12.40
C PHE F 68 -5.13 -8.16 -11.15
N ALA F 69 -5.03 -7.36 -10.11
CA ALA F 69 -4.43 -7.79 -8.86
C ALA F 69 -5.04 -7.01 -7.70
N GLU F 70 -4.43 -7.14 -6.52
CA GLU F 70 -4.95 -6.47 -5.33
C GLU F 70 -4.01 -5.39 -4.80
N LEU F 71 -4.57 -4.48 -4.01
CA LEU F 71 -3.82 -3.41 -3.37
C LEU F 71 -4.11 -3.60 -1.89
N ALA F 72 -3.13 -3.33 -1.04
CA ALA F 72 -3.31 -3.50 0.40
C ALA F 72 -3.00 -2.19 1.10
N PRO F 73 -3.42 -2.05 2.36
CA PRO F 73 -3.13 -0.81 3.06
C PRO F 73 -1.62 -0.57 3.07
N PHE F 74 -1.25 0.70 3.02
CA PHE F 74 0.14 1.15 2.99
C PHE F 74 0.84 0.97 1.66
N ASP F 75 0.16 0.35 0.69
CA ASP F 75 0.73 0.20 -0.65
C ASP F 75 0.81 1.60 -1.25
N ARG F 76 1.81 1.83 -2.09
CA ARG F 76 1.95 3.11 -2.75
C ARG F 76 1.32 2.96 -4.13
N LEU F 77 0.33 3.80 -4.40
CA LEU F 77 -0.38 3.75 -5.68
C LEU F 77 -0.03 4.91 -6.60
N ALA F 78 0.08 4.60 -7.88
CA ALA F 78 0.37 5.59 -8.90
C ALA F 78 -0.74 5.40 -9.93
N VAL F 79 -1.54 6.44 -10.12
CA VAL F 79 -2.60 6.37 -11.11
C VAL F 79 -2.16 7.29 -12.25
N ARG F 80 -1.88 6.70 -13.41
CA ARG F 80 -1.44 7.48 -14.55
C ARG F 80 -2.60 7.67 -15.52
N MET F 81 -2.91 8.93 -15.78
CA MET F 81 -4.02 9.29 -16.65
C MET F 81 -3.52 9.76 -18.02
N ARG F 82 -4.16 9.24 -19.07
CA ARG F 82 -3.80 9.61 -20.44
C ARG F 82 -5.05 10.04 -21.19
N LEU F 83 -4.87 10.86 -22.21
CA LEU F 83 -5.96 11.33 -23.03
C LEU F 83 -6.07 10.33 -24.19
N VAL F 84 -7.10 9.50 -24.15
CA VAL F 84 -7.33 8.49 -25.17
C VAL F 84 -7.97 9.08 -26.41
N GLU F 85 -8.92 9.98 -26.22
CA GLU F 85 -9.59 10.62 -27.35
C GLU F 85 -10.16 11.97 -26.93
N LEU F 86 -10.14 12.92 -27.86
CA LEU F 86 -10.65 14.25 -27.62
C LEU F 86 -11.45 14.68 -28.84
N THR F 87 -12.75 14.85 -28.67
CA THR F 87 -13.59 15.28 -29.76
C THR F 87 -13.94 16.74 -29.50
N GLN F 88 -14.93 17.25 -30.21
CA GLN F 88 -15.33 18.64 -30.07
C GLN F 88 -15.95 18.94 -28.70
N THR F 89 -16.75 18.01 -28.20
CA THR F 89 -17.42 18.20 -26.92
C THR F 89 -17.19 17.11 -25.90
N GLN F 90 -16.44 16.08 -26.26
CA GLN F 90 -16.19 14.97 -25.35
C GLN F 90 -14.71 14.59 -25.24
N MET F 91 -14.39 13.85 -24.19
CA MET F 91 -13.03 13.40 -23.96
C MET F 91 -13.07 12.01 -23.35
N GLU F 92 -12.09 11.19 -23.70
CA GLU F 92 -12.00 9.85 -23.15
C GLU F 92 -10.66 9.79 -22.44
N LEU F 93 -10.69 9.39 -21.17
CA LEU F 93 -9.48 9.32 -20.37
C LEU F 93 -9.18 7.88 -20.01
N GLY F 94 -7.90 7.54 -20.06
CA GLY F 94 -7.45 6.19 -19.72
C GLY F 94 -6.72 6.25 -18.39
N PHE F 95 -6.89 5.24 -17.55
CA PHE F 95 -6.23 5.22 -16.25
C PHE F 95 -5.48 3.90 -15.99
N ASP F 96 -4.19 4.00 -15.72
CA ASP F 96 -3.39 2.82 -15.39
C ASP F 96 -3.09 2.93 -13.90
N TYR F 97 -3.33 1.84 -13.16
CA TYR F 97 -3.09 1.84 -11.72
C TYR F 97 -1.88 0.99 -11.38
N LEU F 98 -0.83 1.62 -10.88
CA LEU F 98 0.41 0.91 -10.56
C LEU F 98 0.71 0.84 -9.07
N ARG F 99 1.08 -0.34 -8.60
CA ARG F 99 1.49 -0.50 -7.21
C ARG F 99 3.00 -0.32 -7.31
N LEU F 100 3.51 0.79 -6.79
CA LEU F 100 4.93 1.09 -6.83
C LEU F 100 5.67 0.35 -5.72
N GLY F 101 6.61 -0.51 -6.11
CA GLY F 101 7.35 -1.27 -5.11
C GLY F 101 8.72 -1.69 -5.59
N GLY F 102 9.14 -2.90 -5.22
CA GLY F 102 10.43 -3.40 -5.67
C GLY F 102 10.35 -3.39 -7.17
N ASP F 103 9.24 -3.94 -7.66
CA ASP F 103 8.94 -3.99 -9.08
C ASP F 103 7.55 -3.38 -9.12
N ASP F 104 7.22 -2.70 -10.21
CA ASP F 104 5.91 -2.11 -10.30
C ASP F 104 4.94 -3.12 -10.88
N LEU F 105 3.72 -3.11 -10.36
CA LEU F 105 2.68 -4.05 -10.80
C LEU F 105 1.44 -3.28 -11.25
N LEU F 106 0.93 -3.62 -12.43
CA LEU F 106 -0.28 -2.99 -12.93
C LEU F 106 -1.43 -3.73 -12.26
N VAL F 107 -2.04 -3.11 -11.25
CA VAL F 107 -3.12 -3.75 -10.54
C VAL F 107 -4.49 -3.55 -11.17
N ALA F 108 -4.63 -2.51 -11.98
CA ALA F 108 -5.90 -2.23 -12.64
C ALA F 108 -5.75 -1.28 -13.84
N ARG F 109 -6.81 -1.16 -14.62
CA ARG F 109 -6.81 -0.29 -15.78
C ARG F 109 -8.26 0.14 -15.97
N GLY F 110 -8.47 1.45 -16.15
CA GLY F 110 -9.83 1.94 -16.31
C GLY F 110 -9.99 2.97 -17.39
N ARG F 111 -11.22 3.44 -17.57
CA ARG F 111 -11.49 4.43 -18.60
C ARG F 111 -12.75 5.21 -18.27
N GLN F 112 -12.80 6.46 -18.71
CA GLN F 112 -13.96 7.32 -18.53
C GLN F 112 -14.22 8.09 -19.82
N ARG F 113 -15.51 8.32 -20.08
CA ARG F 113 -15.93 9.08 -21.25
C ARG F 113 -16.66 10.25 -20.61
N ILE F 114 -16.26 11.48 -20.96
CA ILE F 114 -16.87 12.66 -20.37
C ILE F 114 -17.38 13.64 -21.42
N ALA F 115 -18.53 14.25 -21.15
CA ALA F 115 -19.11 15.22 -22.06
C ALA F 115 -19.19 16.56 -21.35
N CYS F 116 -18.87 17.64 -22.06
CA CYS F 116 -18.92 18.96 -21.47
C CYS F 116 -20.30 19.58 -21.68
N MET F 117 -20.88 20.08 -20.60
CA MET F 117 -22.21 20.70 -20.64
C MET F 117 -22.14 22.04 -19.90
N ARG F 118 -23.06 22.93 -20.23
CA ARG F 118 -23.14 24.25 -19.57
C ARG F 118 -24.61 24.57 -19.31
N GLY F 119 -24.88 25.29 -18.23
CA GLY F 119 -26.24 25.64 -17.91
C GLY F 119 -26.73 25.13 -16.56
N PRO F 120 -27.95 25.51 -16.15
CA PRO F 120 -28.55 25.09 -14.87
C PRO F 120 -29.11 23.68 -14.92
N ASN F 121 -29.16 23.02 -13.76
CA ASN F 121 -29.69 21.67 -13.67
C ASN F 121 -31.08 21.63 -14.28
N GLY F 122 -31.31 20.65 -15.14
CA GLY F 122 -32.60 20.53 -15.80
C GLY F 122 -32.57 21.24 -17.14
N ARG F 123 -31.57 22.08 -17.34
CA ARG F 123 -31.44 22.82 -18.59
C ARG F 123 -29.98 22.99 -19.02
N THR F 124 -29.27 21.87 -19.11
CA THR F 124 -27.87 21.90 -19.54
C THR F 124 -27.82 21.73 -21.05
N GLU F 125 -26.83 22.34 -21.68
CA GLU F 125 -26.65 22.26 -23.12
C GLU F 125 -25.23 21.81 -23.42
N PRO F 126 -25.03 21.04 -24.49
CA PRO F 126 -23.66 20.60 -24.81
C PRO F 126 -22.81 21.78 -25.27
N VAL F 127 -21.53 21.77 -24.92
CA VAL F 127 -20.62 22.83 -25.32
C VAL F 127 -19.27 22.23 -25.70
N ARG F 128 -18.45 23.00 -26.42
CA ARG F 128 -17.13 22.52 -26.82
C ARG F 128 -16.28 22.37 -25.58
N VAL F 129 -15.29 21.47 -25.64
CA VAL F 129 -14.40 21.30 -24.51
C VAL F 129 -13.72 22.66 -24.37
N PRO F 130 -13.74 23.26 -23.16
CA PRO F 130 -13.11 24.56 -22.92
C PRO F 130 -11.71 24.67 -23.52
N ALA F 131 -11.41 25.80 -24.16
CA ALA F 131 -10.12 26.03 -24.79
C ALA F 131 -8.94 25.82 -23.84
N GLY F 132 -9.07 26.29 -22.61
CA GLY F 132 -8.01 26.14 -21.64
C GLY F 132 -7.69 24.68 -21.35
N LEU F 133 -8.74 23.86 -21.28
CA LEU F 133 -8.56 22.44 -21.01
C LEU F 133 -7.87 21.78 -22.21
N VAL F 134 -8.31 22.14 -23.41
CA VAL F 134 -7.71 21.60 -24.62
C VAL F 134 -6.22 21.89 -24.59
N ARG F 135 -5.86 23.13 -24.24
CA ARG F 135 -4.46 23.53 -24.19
C ARG F 135 -3.65 22.76 -23.15
N ALA F 136 -4.26 22.49 -22.00
CA ALA F 136 -3.56 21.76 -20.94
C ALA F 136 -3.33 20.30 -21.37
N PHE F 137 -4.16 19.82 -22.31
CA PHE F 137 -4.06 18.46 -22.82
C PHE F 137 -3.02 18.32 -23.94
N ALA F 138 -2.44 19.43 -24.37
CA ALA F 138 -1.47 19.42 -25.45
C ALA F 138 -0.41 18.31 -25.36
N PRO F 139 0.31 18.21 -24.23
CA PRO F 139 1.34 17.18 -24.07
C PRO F 139 0.83 15.73 -24.08
N PHE F 140 -0.47 15.55 -23.90
CA PHE F 140 -1.05 14.21 -23.88
C PHE F 140 -1.72 13.81 -25.20
N ARG F 141 -1.89 14.77 -26.12
CA ARG F 141 -2.53 14.48 -27.39
C ARG F 141 -1.71 13.63 -28.33
N SER F 142 -2.39 12.68 -28.98
CA SER F 142 -1.74 11.81 -29.94
C SER F 142 -1.49 12.63 -31.20
N ALA F 143 -2.46 13.46 -31.56
CA ALA F 143 -2.37 14.32 -32.72
C ALA F 143 -1.67 15.62 -32.35
N THR F 144 -2.19 16.33 -31.47
#